data_2NSP
#
_entry.id   2NSP
#
_cell.length_a   51.110
_cell.length_b   85.103
_cell.length_c   97.281
_cell.angle_alpha   90.00
_cell.angle_beta   93.48
_cell.angle_gamma   90.00
#
_symmetry.space_group_name_H-M   'P 1 21 1'
#
loop_
_entity.id
_entity.type
_entity.pdbx_description
1 polymer 'Pectinesterase A'
2 branched 'methyl alpha-D-galactopyranuronate-(1-4)-methyl alpha-D-galactopyranuronate-(1-4)-alpha-D-galactopyranuronic acid-(1-4)-alpha-D-galactopyranuronic acid-(1-4)-alpha-D-galactopyranuronic acid-(1-4)-methyl alpha-D-galactopyranuronate'
3 water water
#
_entity_poly.entity_id   1
_entity_poly.type   'polypeptide(L)'
_entity_poly.pdbx_seq_one_letter_code
;ATTYNAVVSKSSSDGKTFKTIADAIASAPAGSTPFVILIKNGVYNERLTITRNNLHLKGESRNGAVIAAATAAGTLKSDG
SKWGTAGSSTITISAKDFSAQSLTIRNDFDFPANQAKSDSDSSKIKDTQAVALYVTKSGDRAYFKDVSLVGYQATLYVSG
GRSFFSDCRISGTVDFIFGDGTALFNNCDLVSRYRADVKSGNVSGYLTAPSTNINQKYGLVITNSRVIRESDSVPAKSYG
LGRPWHPTTTFSDGRYADPNAIGQTVFLNTSMDNHIYGWDKMSGKDKNGNTIWFNPEDSRFFEYKSYGAGATVSKDRRQL
TDAQAAEYTQSKVLGDWTPTLP
;
_entity_poly.pdbx_strand_id   A,B
#
# COMPACT_ATOMS: atom_id res chain seq x y z
N ALA A 1 13.86 30.10 21.98
CA ALA A 1 13.32 31.03 23.01
C ALA A 1 11.80 31.18 22.90
N THR A 2 11.08 30.64 23.89
CA THR A 2 9.63 30.73 23.95
C THR A 2 9.15 31.29 25.29
N THR A 3 8.24 32.27 25.21
CA THR A 3 7.68 32.92 26.40
C THR A 3 6.15 32.96 26.33
N TYR A 4 5.51 32.84 27.50
CA TYR A 4 4.05 32.79 27.57
C TYR A 4 3.42 34.09 28.08
N ASN A 5 2.40 34.57 27.36
CA ASN A 5 1.65 35.76 27.78
C ASN A 5 0.69 35.50 28.94
N ALA A 6 0.22 34.25 29.05
CA ALA A 6 -0.68 33.84 30.11
C ALA A 6 -0.54 32.34 30.40
N VAL A 7 -0.79 31.95 31.65
CA VAL A 7 -0.74 30.55 32.05
C VAL A 7 -2.08 30.16 32.69
N VAL A 8 -2.59 29.00 32.30
CA VAL A 8 -3.80 28.42 32.89
C VAL A 8 -3.42 27.18 33.69
N SER A 9 -3.94 27.06 34.91
CA SER A 9 -3.72 25.86 35.72
C SER A 9 -4.89 25.56 36.67
N LYS A 10 -4.97 24.31 37.11
CA LYS A 10 -5.97 23.86 38.07
C LYS A 10 -5.58 24.19 39.50
N SER A 11 -4.29 24.40 39.72
CA SER A 11 -3.75 24.58 41.07
C SER A 11 -3.64 26.04 41.48
N SER A 12 -3.90 26.30 42.76
CA SER A 12 -3.67 27.62 43.35
C SER A 12 -2.21 27.71 43.85
N SER A 13 -1.56 26.55 43.91
CA SER A 13 -0.16 26.43 44.31
C SER A 13 0.80 26.93 43.22
N ASP A 14 0.31 27.00 41.98
CA ASP A 14 1.07 27.51 40.85
C ASP A 14 1.39 29.00 41.01
N GLY A 15 0.38 29.79 41.36
CA GLY A 15 0.57 31.22 41.62
C GLY A 15 -0.21 32.13 40.70
N LYS A 16 0.51 32.88 39.87
CA LYS A 16 -0.09 33.88 38.98
C LYS A 16 -0.67 33.27 37.70
N THR A 17 -1.66 32.40 37.87
CA THR A 17 -2.28 31.67 36.76
C THR A 17 -3.78 31.92 36.67
N PHE A 18 -4.34 31.79 35.47
CA PHE A 18 -5.78 31.83 35.25
C PHE A 18 -6.40 30.50 35.59
N LYS A 19 -7.64 30.53 36.08
CA LYS A 19 -8.36 29.31 36.43
C LYS A 19 -9.05 28.66 35.24
N THR A 20 -9.47 29.49 34.29
CA THR A 20 -10.11 29.00 33.07
C THR A 20 -9.40 29.48 31.80
N ILE A 21 -9.48 28.67 30.75
CA ILE A 21 -8.91 29.02 29.44
C ILE A 21 -9.63 30.23 28.83
N ALA A 22 -10.96 30.28 28.97
CA ALA A 22 -11.75 31.41 28.48
C ALA A 22 -11.29 32.75 29.06
N ASP A 23 -11.00 32.77 30.36
CA ASP A 23 -10.49 33.98 31.02
C ASP A 23 -9.13 34.40 30.48
N ALA A 24 -8.24 33.44 30.27
CA ALA A 24 -6.90 33.73 29.73
C ALA A 24 -7.01 34.29 28.31
N ILE A 25 -7.87 33.69 27.48
CA ILE A 25 -8.07 34.16 26.12
C ILE A 25 -8.65 35.57 26.10
N ALA A 26 -9.65 35.79 26.95
CA ALA A 26 -10.29 37.10 27.05
C ALA A 26 -9.35 38.20 27.53
N SER A 27 -8.36 37.84 28.34
CA SER A 27 -7.38 38.80 28.89
C SER A 27 -6.43 39.38 27.84
N ALA A 28 -6.35 38.74 26.67
CA ALA A 28 -5.47 39.18 25.59
C ALA A 28 -5.83 40.59 25.13
N PRO A 29 -4.81 41.48 25.03
CA PRO A 29 -5.09 42.83 24.54
C PRO A 29 -5.67 42.79 23.13
N ALA A 30 -6.59 43.71 22.83
CA ALA A 30 -7.15 43.82 21.49
C ALA A 30 -6.04 44.05 20.46
N GLY A 31 -6.13 43.38 19.33
CA GLY A 31 -5.10 43.51 18.29
C GLY A 31 -4.66 42.18 17.70
N SER A 32 -3.49 42.18 17.07
CA SER A 32 -3.02 41.03 16.29
C SER A 32 -1.56 40.66 16.51
N THR A 33 -0.95 41.21 17.57
CA THR A 33 0.34 40.74 18.07
C THR A 33 0.15 39.32 18.61
N PRO A 34 1.19 38.47 18.52
CA PRO A 34 1.06 37.11 19.03
C PRO A 34 0.71 37.05 20.53
N PHE A 35 -0.27 36.22 20.86
CA PHE A 35 -0.62 35.98 22.26
C PHE A 35 -0.62 34.48 22.48
N VAL A 36 0.24 34.03 23.40
CA VAL A 36 0.50 32.61 23.62
C VAL A 36 0.09 32.23 25.05
N ILE A 37 -0.73 31.18 25.15
CA ILE A 37 -1.26 30.73 26.44
C ILE A 37 -0.81 29.29 26.75
N LEU A 38 -0.14 29.10 27.87
CA LEU A 38 0.21 27.75 28.33
C LEU A 38 -0.95 27.22 29.18
N ILE A 39 -1.37 26.00 28.87
CA ILE A 39 -2.44 25.34 29.61
C ILE A 39 -1.85 24.11 30.32
N LYS A 40 -1.74 24.20 31.64
CA LYS A 40 -1.21 23.07 32.42
C LYS A 40 -2.20 21.91 32.45
N ASN A 41 -1.69 20.71 32.71
CA ASN A 41 -2.51 19.49 32.74
C ASN A 41 -3.77 19.63 33.57
N GLY A 42 -4.85 19.07 33.04
CA GLY A 42 -6.15 19.10 33.69
C GLY A 42 -7.24 19.00 32.64
N VAL A 43 -8.46 18.74 33.11
CA VAL A 43 -9.63 18.69 32.23
C VAL A 43 -10.42 19.98 32.43
N TYR A 44 -10.50 20.77 31.37
CA TYR A 44 -11.16 22.06 31.41
C TYR A 44 -12.50 21.95 30.72
N ASN A 45 -13.56 21.98 31.52
CA ASN A 45 -14.93 21.87 31.01
C ASN A 45 -15.41 23.22 30.51
N GLU A 46 -15.05 23.53 29.28
CA GLU A 46 -15.28 24.85 28.70
C GLU A 46 -15.64 24.74 27.23
N ARG A 47 -16.41 25.71 26.76
CA ARG A 47 -16.62 25.91 25.33
C ARG A 47 -16.01 27.25 24.95
N LEU A 48 -15.24 27.25 23.87
CA LEU A 48 -14.47 28.43 23.50
C LEU A 48 -14.78 28.87 22.08
N THR A 49 -14.83 30.20 21.90
CA THR A 49 -14.91 30.79 20.57
C THR A 49 -13.76 31.77 20.42
N ILE A 50 -12.92 31.53 19.41
CA ILE A 50 -11.73 32.35 19.18
C ILE A 50 -11.99 33.35 18.07
N THR A 51 -11.94 34.64 18.41
CA THR A 51 -12.19 35.70 17.44
C THR A 51 -10.98 36.61 17.27
N ARG A 52 -9.96 36.43 18.12
CA ARG A 52 -8.75 37.24 18.05
C ARG A 52 -7.71 36.57 17.17
N ASN A 53 -7.18 37.33 16.20
CA ASN A 53 -6.11 36.84 15.34
C ASN A 53 -4.82 36.61 16.10
N ASN A 54 -4.02 35.65 15.62
CA ASN A 54 -2.68 35.40 16.15
C ASN A 54 -2.69 34.93 17.62
N LEU A 55 -3.69 34.13 17.96
CA LEU A 55 -3.79 33.53 19.29
C LEU A 55 -3.30 32.10 19.23
N HIS A 56 -2.57 31.68 20.26
CA HIS A 56 -1.91 30.38 20.29
C HIS A 56 -2.05 29.70 21.64
N LEU A 57 -2.52 28.46 21.62
CA LEU A 57 -2.65 27.65 22.84
C LEU A 57 -1.61 26.54 22.82
N LYS A 58 -0.96 26.34 23.97
CA LYS A 58 -0.01 25.25 24.14
C LYS A 58 -0.33 24.51 25.43
N GLY A 59 -0.74 23.24 25.29
CA GLY A 59 -0.98 22.39 26.46
C GLY A 59 0.31 21.81 26.98
N GLU A 60 0.31 21.46 28.27
CA GLU A 60 1.46 20.82 28.90
C GLU A 60 1.77 19.48 28.25
N SER A 61 0.72 18.74 27.88
CA SER A 61 0.84 17.45 27.21
C SER A 61 -0.48 17.14 26.52
N ARG A 62 -0.41 16.48 25.37
CA ARG A 62 -1.62 16.02 24.69
C ARG A 62 -2.43 15.08 25.59
N ASN A 63 -1.72 14.18 26.28
CA ASN A 63 -2.37 13.20 27.14
C ASN A 63 -3.12 13.83 28.32
N GLY A 64 -2.57 14.92 28.87
CA GLY A 64 -3.05 15.48 30.13
C GLY A 64 -3.77 16.82 30.10
N ALA A 65 -3.61 17.59 29.02
CA ALA A 65 -4.27 18.88 28.88
C ALA A 65 -5.47 18.75 27.95
N VAL A 66 -6.67 18.78 28.55
CA VAL A 66 -7.92 18.45 27.86
C VAL A 66 -8.93 19.59 27.95
N ILE A 67 -9.50 19.95 26.80
CA ILE A 67 -10.61 20.90 26.74
C ILE A 67 -11.83 20.12 26.27
N ALA A 68 -12.87 20.10 27.10
CA ALA A 68 -13.99 19.19 26.86
C ALA A 68 -15.34 19.79 27.25
N ALA A 69 -16.35 19.53 26.43
CA ALA A 69 -17.74 19.86 26.74
C ALA A 69 -18.65 18.90 25.99
N ALA A 70 -19.86 18.70 26.50
CA ALA A 70 -20.82 17.80 25.88
C ALA A 70 -21.99 18.58 25.29
N THR A 71 -22.06 18.61 23.97
CA THR A 71 -23.12 19.33 23.26
C THR A 71 -23.41 18.62 21.94
N ALA A 72 -24.65 18.17 21.76
CA ALA A 72 -25.07 17.65 20.45
C ALA A 72 -25.85 18.72 19.68
N ALA A 73 -25.98 18.51 18.37
CA ALA A 73 -26.80 19.40 17.53
C ALA A 73 -28.22 19.51 18.09
N GLY A 74 -28.74 18.40 18.61
CA GLY A 74 -30.10 18.32 19.13
C GLY A 74 -30.25 18.69 20.59
N THR A 75 -29.14 19.04 21.24
CA THR A 75 -29.19 19.58 22.60
C THR A 75 -29.93 20.92 22.55
N LEU A 76 -30.85 21.12 23.49
CA LEU A 76 -31.66 22.34 23.52
C LEU A 76 -31.04 23.45 24.34
N LYS A 77 -31.14 24.67 23.82
CA LYS A 77 -30.77 25.89 24.55
C LYS A 77 -31.89 26.30 25.50
N SER A 78 -31.69 27.42 26.20
CA SER A 78 -32.67 27.96 27.13
C SER A 78 -34.01 28.33 26.46
N ASP A 79 -33.93 28.89 25.26
CA ASP A 79 -35.13 29.29 24.51
C ASP A 79 -35.86 28.12 23.85
N GLY A 80 -35.34 26.91 24.04
CA GLY A 80 -35.95 25.69 23.51
C GLY A 80 -35.52 25.32 22.11
N SER A 81 -34.62 26.12 21.53
CA SER A 81 -34.11 25.83 20.20
C SER A 81 -32.85 24.96 20.28
N LYS A 82 -32.59 24.22 19.21
CA LYS A 82 -31.44 23.34 19.12
C LYS A 82 -30.16 24.13 18.86
N TRP A 83 -29.04 23.64 19.39
CA TRP A 83 -27.74 24.23 19.11
C TRP A 83 -27.38 24.11 17.62
N GLY A 84 -27.70 22.98 17.03
CA GLY A 84 -27.34 22.70 15.64
C GLY A 84 -25.90 22.23 15.55
N THR A 85 -25.50 21.77 14.37
CA THR A 85 -24.17 21.19 14.18
C THR A 85 -23.06 22.20 14.44
N ALA A 86 -23.09 23.33 13.73
CA ALA A 86 -22.11 24.39 13.96
C ALA A 86 -22.11 24.82 15.44
N GLY A 87 -23.31 25.03 16.00
CA GLY A 87 -23.47 25.46 17.38
C GLY A 87 -23.06 24.48 18.46
N SER A 88 -22.80 23.23 18.07
CA SER A 88 -22.47 22.18 19.03
C SER A 88 -20.99 22.11 19.40
N SER A 89 -20.16 22.90 18.69
CA SER A 89 -18.72 22.73 18.78
C SER A 89 -18.14 23.10 20.13
N THR A 90 -17.22 22.28 20.62
CA THR A 90 -16.50 22.60 21.86
C THR A 90 -15.59 23.82 21.67
N ILE A 91 -14.82 23.81 20.58
CA ILE A 91 -13.99 24.95 20.23
C ILE A 91 -14.32 25.43 18.82
N THR A 92 -14.57 26.72 18.69
CA THR A 92 -14.88 27.36 17.41
C THR A 92 -13.76 28.35 17.10
N ILE A 93 -13.11 28.18 15.94
CA ILE A 93 -12.04 29.09 15.51
C ILE A 93 -12.58 30.02 14.42
N SER A 94 -12.74 31.29 14.78
CA SER A 94 -13.25 32.30 13.86
C SER A 94 -12.24 33.44 13.76
N ALA A 95 -10.98 33.07 13.65
CA ALA A 95 -9.88 34.03 13.54
C ALA A 95 -8.77 33.48 12.64
N LYS A 96 -7.82 34.35 12.30
CA LYS A 96 -6.69 33.96 11.48
C LYS A 96 -5.48 33.65 12.34
N ASP A 97 -4.60 32.80 11.80
CA ASP A 97 -3.29 32.50 12.43
C ASP A 97 -3.41 31.97 13.86
N PHE A 98 -4.40 31.10 14.07
CA PHE A 98 -4.54 30.37 15.32
C PHE A 98 -3.64 29.15 15.31
N SER A 99 -3.08 28.81 16.46
CA SER A 99 -2.48 27.47 16.60
C SER A 99 -2.83 26.86 17.94
N ALA A 100 -2.94 25.54 17.94
CA ALA A 100 -3.01 24.76 19.18
C ALA A 100 -1.98 23.65 19.12
N GLN A 101 -1.29 23.42 20.24
CA GLN A 101 -0.28 22.39 20.32
C GLN A 101 -0.42 21.61 21.62
N SER A 102 -0.21 20.29 21.52
CA SER A 102 -0.09 19.39 22.67
C SER A 102 -1.29 19.48 23.61
N LEU A 103 -2.47 19.25 23.06
CA LEU A 103 -3.69 19.22 23.86
C LEU A 103 -4.78 18.38 23.20
N THR A 104 -5.74 17.98 24.02
CA THR A 104 -6.87 17.19 23.55
C THR A 104 -8.12 18.07 23.59
N ILE A 105 -8.93 18.00 22.52
CA ILE A 105 -10.20 18.71 22.45
C ILE A 105 -11.30 17.67 22.23
N ARG A 106 -12.29 17.64 23.12
CA ARG A 106 -13.34 16.63 23.07
C ARG A 106 -14.73 17.23 22.99
N ASN A 107 -15.62 16.58 22.23
CA ASN A 107 -17.04 16.70 22.50
C ASN A 107 -17.46 15.44 23.25
N ASP A 108 -17.93 15.64 24.47
CA ASP A 108 -18.23 14.52 25.38
C ASP A 108 -19.67 14.03 25.28
N PHE A 109 -20.40 14.49 24.26
CA PHE A 109 -21.73 13.91 24.01
C PHE A 109 -21.61 12.40 23.92
N ASP A 110 -22.35 11.72 24.77
CA ASP A 110 -22.25 10.27 24.88
C ASP A 110 -23.15 9.63 23.84
N PHE A 111 -22.66 9.59 22.61
CA PHE A 111 -23.42 9.01 21.50
C PHE A 111 -23.91 7.58 21.79
N PRO A 112 -23.01 6.67 22.24
CA PRO A 112 -23.50 5.30 22.49
C PRO A 112 -24.60 5.22 23.55
N ALA A 113 -24.48 6.01 24.63
CA ALA A 113 -25.52 6.03 25.67
C ALA A 113 -26.82 6.57 25.09
N ASN A 114 -26.72 7.59 24.24
CA ASN A 114 -27.89 8.14 23.58
C ASN A 114 -28.62 7.10 22.74
N GLN A 115 -27.86 6.36 21.93
CA GLN A 115 -28.44 5.34 21.05
C GLN A 115 -29.07 4.18 21.82
N ALA A 116 -28.54 3.90 23.00
CA ALA A 116 -29.04 2.83 23.87
C ALA A 116 -30.37 3.19 24.56
N LYS A 117 -30.71 4.47 24.57
CA LYS A 117 -31.97 4.92 25.17
C LYS A 117 -33.15 4.33 24.43
N SER A 118 -34.25 4.11 25.15
CA SER A 118 -35.48 3.62 24.55
C SER A 118 -36.01 4.67 23.57
N ASP A 119 -36.63 4.20 22.50
CA ASP A 119 -37.14 5.10 21.46
C ASP A 119 -38.17 6.12 21.97
N SER A 120 -38.90 5.75 23.02
CA SER A 120 -39.91 6.65 23.59
C SER A 120 -39.32 7.66 24.61
N ASP A 121 -38.05 7.50 24.95
CA ASP A 121 -37.35 8.39 25.88
C ASP A 121 -37.23 9.77 25.26
N SER A 122 -37.90 10.75 25.86
CA SER A 122 -37.94 12.11 25.30
C SER A 122 -36.58 12.80 25.31
N SER A 123 -35.64 12.27 26.11
CA SER A 123 -34.27 12.78 26.20
C SER A 123 -33.35 12.21 25.12
N LYS A 124 -33.85 11.22 24.37
CA LYS A 124 -33.07 10.62 23.27
C LYS A 124 -33.00 11.59 22.10
N ILE A 125 -31.78 11.95 21.73
CA ILE A 125 -31.52 12.95 20.70
C ILE A 125 -31.42 12.30 19.32
N LYS A 126 -32.10 12.90 18.33
CA LYS A 126 -32.01 12.45 16.94
C LYS A 126 -30.86 13.12 16.18
N ASP A 127 -30.64 14.41 16.46
CA ASP A 127 -29.58 15.17 15.81
C ASP A 127 -28.28 14.97 16.58
N THR A 128 -27.58 13.90 16.23
CA THR A 128 -26.49 13.36 17.03
C THR A 128 -25.10 13.90 16.67
N GLN A 129 -25.01 14.81 15.72
CA GLN A 129 -23.72 15.46 15.46
C GLN A 129 -23.27 16.18 16.72
N ALA A 130 -21.99 16.06 17.05
CA ALA A 130 -21.45 16.71 18.23
C ALA A 130 -19.99 17.06 17.95
N VAL A 131 -19.79 18.29 17.48
CA VAL A 131 -18.49 18.74 16.98
C VAL A 131 -17.50 19.05 18.09
N ALA A 132 -16.27 18.54 17.94
CA ALA A 132 -15.18 18.87 18.87
C ALA A 132 -14.51 20.19 18.49
N LEU A 133 -14.16 20.31 17.22
CA LEU A 133 -13.46 21.49 16.71
C LEU A 133 -14.07 21.96 15.41
N TYR A 134 -14.30 23.27 15.32
CA TYR A 134 -14.92 23.88 14.15
C TYR A 134 -14.05 25.06 13.73
N VAL A 135 -13.54 24.98 12.50
CA VAL A 135 -12.85 26.13 11.89
C VAL A 135 -13.87 26.75 10.93
N THR A 136 -14.23 28.01 11.16
CA THR A 136 -15.35 28.64 10.44
C THR A 136 -14.91 29.27 9.12
N LYS A 137 -15.88 29.87 8.41
CA LYS A 137 -15.60 30.56 7.14
C LYS A 137 -14.61 31.71 7.33
N SER A 138 -14.51 32.21 8.56
CA SER A 138 -13.61 33.31 8.91
C SER A 138 -12.21 32.83 9.25
N GLY A 139 -12.09 31.55 9.57
CA GLY A 139 -10.82 30.94 9.91
C GLY A 139 -9.96 30.73 8.68
N ASP A 140 -8.70 31.12 8.81
CA ASP A 140 -7.69 30.81 7.81
C ASP A 140 -6.36 30.68 8.52
N ARG A 141 -5.52 29.79 8.02
CA ARG A 141 -4.18 29.55 8.58
C ARG A 141 -4.26 29.09 10.03
N ALA A 142 -5.03 28.03 10.26
CA ALA A 142 -5.16 27.42 11.59
C ALA A 142 -4.30 26.16 11.64
N TYR A 143 -3.43 26.09 12.64
CA TYR A 143 -2.43 25.03 12.75
C TYR A 143 -2.61 24.23 14.02
N PHE A 144 -2.72 22.91 13.88
CA PHE A 144 -2.90 22.03 15.03
C PHE A 144 -1.80 20.98 15.03
N LYS A 145 -0.92 21.04 16.02
CA LYS A 145 0.20 20.11 16.11
C LYS A 145 0.13 19.31 17.39
N ASP A 146 0.25 17.98 17.27
CA ASP A 146 0.19 17.09 18.43
C ASP A 146 -1.11 17.35 19.21
N VAL A 147 -2.22 17.34 18.47
CA VAL A 147 -3.54 17.57 19.05
C VAL A 147 -4.35 16.28 18.87
N SER A 148 -5.22 16.01 19.85
CA SER A 148 -6.15 14.90 19.75
C SER A 148 -7.56 15.47 19.73
N LEU A 149 -8.35 15.07 18.74
CA LEU A 149 -9.74 15.51 18.60
C LEU A 149 -10.65 14.31 18.79
N VAL A 150 -11.57 14.43 19.75
CA VAL A 150 -12.41 13.31 20.17
C VAL A 150 -13.89 13.56 19.94
N GLY A 151 -14.55 12.62 19.27
CA GLY A 151 -15.99 12.66 19.11
C GLY A 151 -16.51 11.39 18.50
N TYR A 152 -17.79 11.42 18.14
CA TYR A 152 -18.40 10.34 17.38
C TYR A 152 -18.84 10.89 16.02
N GLN A 153 -20.09 11.33 15.91
CA GLN A 153 -20.54 11.93 14.66
C GLN A 153 -20.04 13.37 14.53
N ALA A 154 -19.43 13.70 13.39
CA ALA A 154 -19.09 15.09 13.05
C ALA A 154 -18.03 15.73 13.97
N THR A 155 -17.02 14.95 14.33
CA THR A 155 -15.95 15.42 15.22
C THR A 155 -15.27 16.73 14.81
N LEU A 156 -14.83 16.78 13.55
CA LEU A 156 -14.06 17.92 13.03
C LEU A 156 -14.74 18.58 11.85
N TYR A 157 -15.11 19.84 12.03
CA TYR A 157 -15.81 20.65 11.03
C TYR A 157 -14.79 21.65 10.50
N VAL A 158 -14.28 21.40 9.30
CA VAL A 158 -13.31 22.31 8.68
C VAL A 158 -13.94 23.09 7.53
N SER A 159 -14.21 24.36 7.78
CA SER A 159 -14.77 25.26 6.79
C SER A 159 -13.75 26.38 6.52
N GLY A 160 -14.13 27.34 5.71
CA GLY A 160 -13.31 28.52 5.45
C GLY A 160 -12.04 28.24 4.67
N GLY A 161 -10.93 28.75 5.18
CA GLY A 161 -9.67 28.70 4.48
C GLY A 161 -8.84 27.46 4.79
N ARG A 162 -7.57 27.68 5.09
CA ARG A 162 -6.61 26.60 5.22
C ARG A 162 -6.36 26.22 6.67
N SER A 163 -6.37 24.93 6.92
CA SER A 163 -6.01 24.38 8.23
C SER A 163 -5.00 23.27 8.00
N PHE A 164 -4.09 23.10 8.95
CA PHE A 164 -3.06 22.07 8.87
C PHE A 164 -3.03 21.31 10.19
N PHE A 165 -3.10 19.99 10.08
CA PHE A 165 -3.09 19.09 11.23
C PHE A 165 -1.89 18.16 11.11
N SER A 166 -1.07 18.15 12.16
CA SER A 166 0.20 17.42 12.13
C SER A 166 0.38 16.64 13.43
N ASP A 167 0.78 15.37 13.31
CA ASP A 167 1.05 14.50 14.46
C ASP A 167 -0.18 14.41 15.34
N CYS A 168 -1.33 14.21 14.69
CA CYS A 168 -2.60 14.35 15.36
C CYS A 168 -3.34 13.02 15.52
N ARG A 169 -4.31 13.00 16.44
CA ARG A 169 -5.25 11.89 16.53
C ARG A 169 -6.64 12.47 16.34
N ILE A 170 -7.44 11.84 15.51
CA ILE A 170 -8.82 12.26 15.30
C ILE A 170 -9.70 11.02 15.31
N SER A 171 -10.69 11.00 16.18
CA SER A 171 -11.57 9.83 16.30
C SER A 171 -13.02 10.20 15.99
N GLY A 172 -13.77 9.22 15.53
CA GLY A 172 -15.19 9.43 15.25
C GLY A 172 -15.84 8.27 14.51
N THR A 173 -17.07 8.52 14.08
CA THR A 173 -17.88 7.50 13.42
C THR A 173 -18.37 8.02 12.07
N VAL A 174 -19.45 8.78 12.09
CA VAL A 174 -20.12 9.27 10.88
C VAL A 174 -19.63 10.68 10.51
N ASP A 175 -19.05 10.79 9.32
CA ASP A 175 -18.64 12.07 8.75
C ASP A 175 -17.75 12.85 9.70
N PHE A 176 -16.73 12.20 10.26
CA PHE A 176 -16.01 12.82 11.38
C PHE A 176 -14.96 13.85 11.01
N ILE A 177 -14.67 13.97 9.72
CA ILE A 177 -13.95 15.12 9.18
C ILE A 177 -14.80 15.61 8.02
N PHE A 178 -15.35 16.82 8.16
CA PHE A 178 -16.30 17.28 7.16
C PHE A 178 -16.21 18.78 6.93
N GLY A 179 -16.72 19.23 5.78
CA GLY A 179 -16.76 20.66 5.49
C GLY A 179 -16.06 21.04 4.20
N ASP A 180 -16.01 22.34 3.94
CA ASP A 180 -15.59 22.87 2.64
C ASP A 180 -14.21 23.53 2.68
N GLY A 181 -13.53 23.41 3.81
CA GLY A 181 -12.20 24.02 3.97
C GLY A 181 -11.11 23.31 3.20
N THR A 182 -9.95 23.95 3.13
CA THR A 182 -8.74 23.29 2.67
C THR A 182 -8.05 22.80 3.92
N ALA A 183 -8.08 21.49 4.16
CA ALA A 183 -7.54 20.92 5.38
C ALA A 183 -6.54 19.82 5.03
N LEU A 184 -5.29 20.03 5.43
CA LEU A 184 -4.21 19.09 5.16
C LEU A 184 -3.84 18.38 6.45
N PHE A 185 -3.77 17.06 6.39
CA PHE A 185 -3.47 16.23 7.54
C PHE A 185 -2.19 15.46 7.25
N ASN A 186 -1.21 15.56 8.15
CA ASN A 186 0.03 14.83 7.97
C ASN A 186 0.45 14.09 9.23
N ASN A 187 0.80 12.82 9.08
CA ASN A 187 1.20 11.98 10.19
C ASN A 187 0.15 11.94 11.30
N CYS A 188 -1.11 11.78 10.89
CA CYS A 188 -2.23 11.69 11.84
C CYS A 188 -2.75 10.26 11.94
N ASP A 189 -3.32 9.93 13.10
CA ASP A 189 -4.07 8.70 13.27
C ASP A 189 -5.55 9.04 13.20
N LEU A 190 -6.22 8.50 12.20
CA LEU A 190 -7.65 8.68 12.05
C LEU A 190 -8.34 7.41 12.54
N VAL A 191 -9.06 7.53 13.65
CA VAL A 191 -9.53 6.37 14.40
C VAL A 191 -11.04 6.16 14.22
N SER A 192 -11.39 5.09 13.52
CA SER A 192 -12.78 4.71 13.31
C SER A 192 -13.32 3.95 14.52
N ARG A 193 -14.42 4.45 15.08
CA ARG A 193 -14.92 3.95 16.36
C ARG A 193 -16.01 2.88 16.25
N TYR A 194 -16.08 2.04 17.27
CA TYR A 194 -17.06 0.97 17.33
C TYR A 194 -18.49 1.52 17.49
N ARG A 195 -19.42 0.94 16.72
CA ARG A 195 -20.83 1.29 16.78
C ARG A 195 -21.65 0.12 17.35
N ALA A 196 -22.04 0.22 18.60
CA ALA A 196 -22.82 -0.83 19.26
C ALA A 196 -24.23 -0.91 18.68
N ASP A 197 -24.65 0.17 18.03
CA ASP A 197 -26.03 0.34 17.57
C ASP A 197 -26.24 -0.02 16.09
N VAL A 198 -25.18 -0.50 15.44
CA VAL A 198 -25.24 -0.83 14.01
C VAL A 198 -25.24 -2.34 13.82
N LYS A 199 -26.25 -2.82 13.09
CA LYS A 199 -26.40 -4.24 12.79
C LYS A 199 -25.26 -4.77 11.95
N SER A 200 -24.88 -6.02 12.20
CA SER A 200 -23.89 -6.72 11.38
C SER A 200 -24.31 -6.62 9.92
N GLY A 201 -23.39 -6.17 9.07
CA GLY A 201 -23.66 -6.01 7.65
C GLY A 201 -24.02 -4.61 7.20
N ASN A 202 -24.26 -3.72 8.16
CA ASN A 202 -24.52 -2.30 7.85
C ASN A 202 -23.28 -1.43 8.07
N VAL A 203 -23.32 -0.20 7.56
CA VAL A 203 -22.16 0.71 7.64
C VAL A 203 -22.09 1.37 9.02
N SER A 204 -20.89 1.37 9.61
CA SER A 204 -20.64 2.04 10.88
C SER A 204 -20.31 3.52 10.75
N GLY A 205 -19.65 3.90 9.67
CA GLY A 205 -19.32 5.32 9.49
C GLY A 205 -18.55 5.67 8.24
N TYR A 206 -18.13 6.94 8.18
CA TYR A 206 -17.43 7.52 7.02
C TYR A 206 -16.39 8.47 7.57
N LEU A 207 -15.14 8.32 7.13
CA LEU A 207 -14.07 9.17 7.66
C LEU A 207 -14.29 10.63 7.29
N THR A 208 -14.67 10.86 6.04
CA THR A 208 -14.81 12.23 5.54
C THR A 208 -16.15 12.50 4.88
N ALA A 209 -16.60 13.75 4.96
CA ALA A 209 -17.75 14.21 4.19
C ALA A 209 -17.45 15.61 3.67
N PRO A 210 -16.62 15.68 2.61
CA PRO A 210 -16.21 16.99 2.09
C PRO A 210 -17.34 17.68 1.33
N SER A 211 -17.39 19.00 1.46
CA SER A 211 -18.38 19.83 0.76
C SER A 211 -17.66 20.89 -0.09
N THR A 212 -16.42 20.57 -0.45
CA THR A 212 -15.55 21.47 -1.19
C THR A 212 -16.24 22.03 -2.43
N ASN A 213 -16.27 23.35 -2.58
CA ASN A 213 -16.81 23.95 -3.80
C ASN A 213 -16.00 23.48 -5.02
N ILE A 214 -16.69 23.22 -6.13
CA ILE A 214 -16.04 22.72 -7.34
C ILE A 214 -14.90 23.62 -7.84
N ASN A 215 -14.99 24.92 -7.58
CA ASN A 215 -13.99 25.89 -8.03
C ASN A 215 -12.78 26.02 -7.09
N GLN A 216 -12.87 25.36 -5.94
CA GLN A 216 -11.78 25.34 -4.97
C GLN A 216 -10.87 24.16 -5.25
N LYS A 217 -9.57 24.44 -5.40
CA LYS A 217 -8.61 23.44 -5.86
C LYS A 217 -8.43 22.28 -4.88
N TYR A 218 -8.32 22.61 -3.58
CA TYR A 218 -8.09 21.58 -2.58
C TYR A 218 -9.13 21.54 -1.47
N GLY A 219 -9.51 20.32 -1.09
CA GLY A 219 -10.44 20.10 0.01
C GLY A 219 -9.71 19.41 1.14
N LEU A 220 -10.08 18.15 1.40
CA LEU A 220 -9.47 17.37 2.47
C LEU A 220 -8.35 16.52 1.91
N VAL A 221 -7.13 16.78 2.37
CA VAL A 221 -5.95 16.08 1.86
C VAL A 221 -5.24 15.40 3.04
N ILE A 222 -5.17 14.08 2.98
CA ILE A 222 -4.62 13.27 4.08
C ILE A 222 -3.33 12.60 3.61
N THR A 223 -2.21 12.91 4.26
CA THR A 223 -0.90 12.42 3.81
C THR A 223 -0.14 11.72 4.94
N ASN A 224 0.58 10.65 4.59
CA ASN A 224 1.50 9.97 5.52
C ASN A 224 0.83 9.63 6.85
N SER A 225 -0.43 9.20 6.77
CA SER A 225 -1.25 9.00 7.96
C SER A 225 -1.63 7.54 8.14
N ARG A 226 -2.41 7.27 9.19
CA ARG A 226 -2.84 5.92 9.50
C ARG A 226 -4.34 5.92 9.75
N VAL A 227 -5.04 5.12 8.97
CA VAL A 227 -6.48 4.94 9.09
C VAL A 227 -6.70 3.63 9.86
N ILE A 228 -7.10 3.77 11.12
CA ILE A 228 -7.08 2.64 12.05
C ILE A 228 -8.42 2.39 12.72
N ARG A 229 -8.65 1.14 13.11
CA ARG A 229 -9.84 0.79 13.88
C ARG A 229 -9.57 0.98 15.36
N GLU A 230 -10.60 1.46 16.07
CA GLU A 230 -10.54 1.69 17.50
C GLU A 230 -10.32 0.40 18.28
N SER A 231 -10.91 -0.68 17.77
CA SER A 231 -10.85 -1.98 18.41
C SER A 231 -11.08 -3.08 17.38
N ASP A 232 -10.78 -4.32 17.77
CA ASP A 232 -11.02 -5.47 16.89
C ASP A 232 -12.50 -5.77 16.69
N SER A 233 -13.36 -5.09 17.45
CA SER A 233 -14.81 -5.25 17.31
C SER A 233 -15.36 -4.42 16.16
N VAL A 234 -14.56 -3.47 15.66
CA VAL A 234 -14.93 -2.72 14.47
C VAL A 234 -14.81 -3.68 13.27
N PRO A 235 -15.93 -4.03 12.64
CA PRO A 235 -15.92 -5.06 11.60
C PRO A 235 -15.13 -4.71 10.34
N ALA A 236 -14.68 -5.72 9.63
CA ALA A 236 -14.12 -5.52 8.30
C ALA A 236 -15.19 -4.87 7.41
N LYS A 237 -14.76 -3.99 6.52
CA LYS A 237 -15.64 -3.35 5.52
C LYS A 237 -16.85 -2.64 6.14
N SER A 238 -16.61 -1.88 7.20
CA SER A 238 -17.64 -1.18 7.95
C SER A 238 -17.56 0.35 7.79
N TYR A 239 -16.44 0.83 7.25
CA TYR A 239 -16.20 2.27 7.14
C TYR A 239 -15.88 2.72 5.72
N GLY A 240 -16.51 3.82 5.31
CA GLY A 240 -16.17 4.46 4.05
C GLY A 240 -15.10 5.51 4.22
N LEU A 241 -14.29 5.69 3.18
CA LEU A 241 -13.26 6.73 3.18
C LEU A 241 -13.86 8.12 3.11
N GLY A 242 -15.03 8.20 2.47
CA GLY A 242 -15.72 9.48 2.33
C GLY A 242 -17.02 9.31 1.59
N ARG A 243 -17.91 10.28 1.78
CA ARG A 243 -19.14 10.40 0.99
C ARG A 243 -19.35 11.90 0.72
N PRO A 244 -20.05 12.25 -0.38
CA PRO A 244 -20.09 13.65 -0.78
C PRO A 244 -21.17 14.47 -0.09
N TRP A 245 -20.74 15.40 0.78
CA TRP A 245 -21.69 16.27 1.46
C TRP A 245 -22.03 17.49 0.62
N HIS A 246 -23.29 17.59 0.23
CA HIS A 246 -23.80 18.77 -0.45
C HIS A 246 -24.71 19.50 0.54
N PRO A 247 -24.16 20.48 1.29
CA PRO A 247 -24.90 21.04 2.42
C PRO A 247 -26.19 21.74 2.00
N THR A 248 -27.22 21.59 2.81
CA THR A 248 -28.44 22.38 2.62
C THR A 248 -28.03 23.85 2.68
N THR A 249 -28.37 24.58 1.63
CA THR A 249 -27.90 25.95 1.43
C THR A 249 -29.05 26.82 0.92
N THR A 250 -29.12 28.05 1.39
CA THR A 250 -30.14 28.99 0.93
C THR A 250 -29.70 29.67 -0.37
N PHE A 251 -30.49 29.45 -1.42
CA PHE A 251 -30.31 30.06 -2.72
C PHE A 251 -31.48 30.98 -3.00
N SER A 252 -31.38 31.77 -4.06
CA SER A 252 -32.49 32.63 -4.50
C SER A 252 -33.77 31.82 -4.77
N ASP A 253 -33.62 30.58 -5.22
CA ASP A 253 -34.78 29.73 -5.54
C ASP A 253 -35.06 28.64 -4.48
N GLY A 254 -34.63 28.89 -3.25
CA GLY A 254 -34.99 28.03 -2.13
C GLY A 254 -33.81 27.46 -1.38
N ARG A 255 -34.13 26.61 -0.41
CA ARG A 255 -33.12 26.02 0.45
C ARG A 255 -33.02 24.51 0.17
N TYR A 256 -31.86 24.08 -0.32
CA TYR A 256 -31.66 22.69 -0.77
C TYR A 256 -30.18 22.35 -0.87
N ALA A 257 -29.88 21.09 -1.15
CA ALA A 257 -28.50 20.61 -1.24
C ALA A 257 -27.71 21.34 -2.34
N ASP A 258 -26.56 21.89 -1.96
CA ASP A 258 -25.74 22.70 -2.86
C ASP A 258 -25.19 21.85 -4.02
N PRO A 259 -25.62 22.12 -5.26
CA PRO A 259 -25.15 21.29 -6.39
C PRO A 259 -23.66 21.41 -6.68
N ASN A 260 -23.07 22.53 -6.30
CA ASN A 260 -21.68 22.83 -6.61
C ASN A 260 -20.69 22.46 -5.51
N ALA A 261 -21.20 21.91 -4.43
CA ALA A 261 -20.36 21.37 -3.37
C ALA A 261 -19.96 19.95 -3.76
N ILE A 262 -18.96 19.86 -4.62
CA ILE A 262 -18.48 18.58 -5.15
C ILE A 262 -17.16 18.27 -4.43
N GLY A 263 -17.30 17.58 -3.31
CA GLY A 263 -16.23 17.46 -2.33
C GLY A 263 -14.99 16.73 -2.80
N GLN A 264 -13.85 17.13 -2.25
CA GLN A 264 -12.58 16.46 -2.50
C GLN A 264 -12.02 15.84 -1.23
N THR A 265 -11.71 14.55 -1.30
CA THR A 265 -10.88 13.88 -0.30
C THR A 265 -9.80 13.10 -1.05
N VAL A 266 -8.55 13.37 -0.73
CA VAL A 266 -7.43 12.66 -1.34
C VAL A 266 -6.54 12.09 -0.24
N PHE A 267 -6.29 10.78 -0.33
CA PHE A 267 -5.37 10.09 0.58
C PHE A 267 -4.08 9.82 -0.17
N LEU A 268 -2.95 10.19 0.43
CA LEU A 268 -1.63 9.88 -0.14
C LEU A 268 -0.74 9.20 0.88
N ASN A 269 -0.11 8.09 0.47
CA ASN A 269 0.84 7.36 1.32
C ASN A 269 0.28 7.08 2.73
N THR A 270 -0.96 6.60 2.77
CA THR A 270 -1.66 6.40 4.03
C THR A 270 -2.02 4.93 4.25
N SER A 271 -1.79 4.44 5.47
CA SER A 271 -2.14 3.07 5.82
C SER A 271 -3.63 2.97 6.14
N MET A 272 -4.22 1.84 5.81
CA MET A 272 -5.64 1.61 6.03
C MET A 272 -5.85 0.18 6.47
N ASP A 273 -6.52 0.00 7.62
CA ASP A 273 -6.90 -1.33 8.04
C ASP A 273 -8.14 -1.81 7.27
N ASN A 274 -8.49 -3.08 7.44
CA ASN A 274 -9.54 -3.67 6.62
C ASN A 274 -10.98 -3.28 6.99
N HIS A 275 -11.15 -2.37 7.94
CA HIS A 275 -12.49 -1.81 8.21
C HIS A 275 -12.94 -0.93 7.04
N ILE A 276 -11.99 -0.48 6.23
CA ILE A 276 -12.28 0.36 5.07
C ILE A 276 -12.79 -0.48 3.90
N TYR A 277 -13.94 -0.10 3.34
CA TYR A 277 -14.48 -0.78 2.14
C TYR A 277 -14.30 0.01 0.84
N GLY A 278 -14.07 1.32 0.98
CA GLY A 278 -13.98 2.22 -0.19
C GLY A 278 -14.80 3.47 0.05
N TRP A 279 -15.31 4.04 -1.05
CA TRP A 279 -16.09 5.28 -0.99
C TRP A 279 -17.59 5.00 -0.95
N ASP A 280 -18.39 6.03 -0.65
CA ASP A 280 -19.84 5.84 -0.61
C ASP A 280 -20.61 7.06 -1.10
N LYS A 281 -21.91 6.87 -1.29
CA LYS A 281 -22.82 7.93 -1.69
C LYS A 281 -23.44 8.62 -0.48
N MET A 282 -24.11 9.75 -0.71
CA MET A 282 -24.77 10.49 0.35
C MET A 282 -26.00 11.18 -0.22
N SER A 283 -27.06 11.26 0.57
CA SER A 283 -28.32 11.85 0.12
C SER A 283 -28.53 13.25 0.68
N GLY A 284 -29.31 14.04 -0.05
CA GLY A 284 -29.76 15.35 0.39
C GLY A 284 -31.15 15.58 -0.16
N LYS A 285 -31.64 16.81 -0.03
CA LYS A 285 -32.92 17.18 -0.63
C LYS A 285 -32.68 18.18 -1.76
N ASP A 286 -33.33 17.96 -2.90
CA ASP A 286 -33.17 18.84 -4.05
C ASP A 286 -34.09 20.06 -4.00
N LYS A 287 -34.04 20.88 -5.05
CA LYS A 287 -34.81 22.14 -5.11
C LYS A 287 -36.33 21.93 -5.08
N ASN A 288 -36.77 20.71 -5.36
CA ASN A 288 -38.19 20.35 -5.38
C ASN A 288 -38.63 19.65 -4.10
N GLY A 289 -37.68 19.39 -3.22
CA GLY A 289 -37.97 18.69 -1.97
C GLY A 289 -37.85 17.19 -2.05
N ASN A 290 -37.41 16.66 -3.19
CA ASN A 290 -37.19 15.22 -3.38
C ASN A 290 -35.81 14.79 -2.89
N THR A 291 -35.71 13.54 -2.47
CA THR A 291 -34.41 12.94 -2.15
C THR A 291 -33.54 12.93 -3.40
N ILE A 292 -32.29 13.33 -3.23
CA ILE A 292 -31.30 13.28 -4.29
C ILE A 292 -30.06 12.60 -3.73
N TRP A 293 -29.47 11.70 -4.53
CA TRP A 293 -28.27 10.98 -4.16
C TRP A 293 -27.06 11.52 -4.90
N PHE A 294 -25.99 11.77 -4.15
CA PHE A 294 -24.72 12.22 -4.70
C PHE A 294 -23.72 11.08 -4.63
N ASN A 295 -23.14 10.76 -5.79
CA ASN A 295 -22.35 9.54 -5.94
C ASN A 295 -20.84 9.80 -5.88
N PRO A 296 -20.07 8.84 -5.32
CA PRO A 296 -18.62 9.02 -5.18
C PRO A 296 -17.89 9.15 -6.51
N GLU A 297 -18.40 8.48 -7.55
CA GLU A 297 -17.77 8.54 -8.88
C GLU A 297 -17.87 9.93 -9.51
N ASP A 298 -18.81 10.74 -9.02
CA ASP A 298 -18.99 12.10 -9.50
C ASP A 298 -18.27 13.12 -8.61
N SER A 299 -17.61 12.62 -7.57
CA SER A 299 -16.92 13.46 -6.60
C SER A 299 -15.40 13.34 -6.77
N ARG A 300 -14.65 14.20 -6.08
CA ARG A 300 -13.19 14.24 -6.23
C ARG A 300 -12.52 13.38 -5.15
N PHE A 301 -12.71 12.07 -5.30
CA PHE A 301 -12.26 11.09 -4.33
C PHE A 301 -11.11 10.27 -4.93
N PHE A 302 -9.91 10.43 -4.38
CA PHE A 302 -8.74 9.76 -4.95
C PHE A 302 -7.80 9.21 -3.88
N GLU A 303 -7.00 8.23 -4.27
CA GLU A 303 -5.94 7.69 -3.43
C GLU A 303 -4.64 7.63 -4.20
N TYR A 304 -3.54 7.63 -3.44
CA TYR A 304 -2.22 7.43 -4.02
C TYR A 304 -1.40 6.61 -3.04
N LYS A 305 -1.01 5.42 -3.49
CA LYS A 305 -0.15 4.53 -2.72
C LYS A 305 -0.63 4.23 -1.29
N SER A 306 -1.92 3.97 -1.16
CA SER A 306 -2.45 3.45 0.11
C SER A 306 -1.81 2.08 0.37
N TYR A 307 -1.70 1.73 1.65
CA TYR A 307 -1.21 0.40 2.02
C TYR A 307 -1.96 -0.12 3.25
N GLY A 308 -1.68 -1.37 3.62
CA GLY A 308 -2.48 -2.02 4.67
C GLY A 308 -3.68 -2.73 4.07
N ALA A 309 -4.32 -3.58 4.88
CA ALA A 309 -5.39 -4.48 4.40
C ALA A 309 -6.59 -3.78 3.76
N GLY A 310 -6.84 -2.53 4.12
CA GLY A 310 -7.95 -1.75 3.55
C GLY A 310 -7.63 -1.06 2.22
N ALA A 311 -6.41 -1.25 1.73
CA ALA A 311 -5.94 -0.56 0.53
C ALA A 311 -6.14 -1.36 -0.76
N THR A 312 -7.38 -1.65 -1.11
CA THR A 312 -7.67 -2.32 -2.37
C THR A 312 -7.70 -1.33 -3.54
N VAL A 313 -7.27 -1.79 -4.72
CA VAL A 313 -7.26 -0.95 -5.93
C VAL A 313 -8.22 -1.54 -6.95
N SER A 314 -9.26 -0.77 -7.27
CA SER A 314 -10.29 -1.19 -8.22
C SER A 314 -10.83 0.02 -8.96
N LYS A 315 -11.71 -0.21 -9.94
CA LYS A 315 -12.36 0.86 -10.71
C LYS A 315 -13.17 1.82 -9.81
N ASP A 316 -13.64 1.32 -8.67
CA ASP A 316 -14.41 2.10 -7.72
C ASP A 316 -13.53 2.92 -6.77
N ARG A 317 -12.21 2.72 -6.88
CA ARG A 317 -11.25 3.46 -6.07
C ARG A 317 -10.15 4.04 -6.96
N ARG A 318 -10.44 5.23 -7.49
CA ARG A 318 -9.56 5.90 -8.44
C ARG A 318 -8.22 6.26 -7.82
N GLN A 319 -7.17 6.11 -8.62
CA GLN A 319 -5.80 6.31 -8.17
C GLN A 319 -5.15 7.46 -8.91
N LEU A 320 -4.31 8.21 -8.20
CA LEU A 320 -3.53 9.27 -8.82
C LEU A 320 -2.28 8.71 -9.49
N THR A 321 -1.88 9.34 -10.59
CA THR A 321 -0.57 9.09 -11.18
C THR A 321 0.49 9.79 -10.33
N ASP A 322 1.76 9.46 -10.56
CA ASP A 322 2.87 10.14 -9.90
C ASP A 322 2.82 11.66 -10.14
N ALA A 323 2.57 12.06 -11.38
CA ALA A 323 2.46 13.47 -11.75
C ALA A 323 1.31 14.17 -11.01
N GLN A 324 0.17 13.49 -10.91
CA GLN A 324 -1.00 14.03 -10.19
C GLN A 324 -0.72 14.13 -8.69
N ALA A 325 -0.04 13.12 -8.14
CA ALA A 325 0.33 13.10 -6.72
C ALA A 325 1.21 14.30 -6.33
N ALA A 326 2.06 14.74 -7.24
CA ALA A 326 2.95 15.88 -7.02
C ALA A 326 2.19 17.21 -6.81
N GLU A 327 0.90 17.22 -7.16
CA GLU A 327 0.07 18.41 -6.97
C GLU A 327 -0.43 18.55 -5.53
N TYR A 328 -0.14 17.55 -4.69
CA TYR A 328 -0.66 17.52 -3.33
C TYR A 328 0.43 17.63 -2.25
N THR A 329 1.52 18.30 -2.59
CA THR A 329 2.56 18.65 -1.63
C THR A 329 2.02 19.73 -0.69
N GLN A 330 2.62 19.84 0.50
CA GLN A 330 2.23 20.88 1.46
C GLN A 330 2.30 22.28 0.84
N SER A 331 3.36 22.53 0.08
CA SER A 331 3.55 23.81 -0.59
C SER A 331 2.38 24.16 -1.52
N LYS A 332 1.91 23.19 -2.29
CA LYS A 332 0.81 23.43 -3.22
C LYS A 332 -0.55 23.54 -2.52
N VAL A 333 -0.77 22.71 -1.52
CA VAL A 333 -2.05 22.68 -0.81
C VAL A 333 -2.24 23.92 0.05
N LEU A 334 -1.19 24.34 0.75
CA LEU A 334 -1.27 25.48 1.66
C LEU A 334 -0.86 26.83 1.04
N GLY A 335 -0.31 26.80 -0.17
CA GLY A 335 0.10 28.03 -0.86
C GLY A 335 1.19 28.80 -0.15
N ASP A 336 0.97 30.09 0.03
CA ASP A 336 1.98 30.97 0.64
C ASP A 336 2.09 30.87 2.17
N TRP A 337 1.34 29.93 2.75
CA TRP A 337 1.33 29.78 4.20
C TRP A 337 2.24 28.66 4.68
N THR A 338 3.23 29.03 5.48
CA THR A 338 4.05 28.05 6.20
C THR A 338 3.59 28.02 7.65
N PRO A 339 2.93 26.92 8.07
CA PRO A 339 2.50 26.79 9.46
C PRO A 339 3.69 26.82 10.42
N THR A 340 3.66 27.75 11.37
CA THR A 340 4.71 27.85 12.38
C THR A 340 4.10 28.03 13.77
N LEU A 341 4.81 27.52 14.78
CA LEU A 341 4.41 27.68 16.17
C LEU A 341 5.24 28.79 16.80
N PRO A 342 4.69 29.47 17.83
CA PRO A 342 5.44 30.54 18.51
C PRO A 342 6.69 30.02 19.22
N ALA B 1 21.92 2.23 -34.36
CA ALA B 1 22.28 1.23 -35.41
C ALA B 1 22.35 -0.19 -34.86
N THR B 2 21.41 -1.03 -35.28
CA THR B 2 21.36 -2.44 -34.85
C THR B 2 21.28 -3.38 -36.06
N THR B 3 22.14 -4.40 -36.05
CA THR B 3 22.19 -5.39 -37.13
C THR B 3 22.15 -6.82 -36.58
N TYR B 4 21.48 -7.71 -37.30
CA TYR B 4 21.31 -9.09 -36.85
C TYR B 4 22.23 -10.06 -37.59
N ASN B 5 22.89 -10.93 -36.82
CA ASN B 5 23.74 -11.97 -37.37
C ASN B 5 22.94 -13.13 -37.95
N ALA B 6 21.74 -13.35 -37.41
CA ALA B 6 20.85 -14.42 -37.86
C ALA B 6 19.39 -14.05 -37.61
N VAL B 7 18.50 -14.59 -38.45
CA VAL B 7 17.06 -14.37 -38.30
C VAL B 7 16.34 -15.72 -38.26
N VAL B 8 15.42 -15.86 -37.31
CA VAL B 8 14.58 -17.06 -37.19
C VAL B 8 13.13 -16.70 -37.53
N SER B 9 12.50 -17.52 -38.37
CA SER B 9 11.09 -17.31 -38.70
C SER B 9 10.36 -18.61 -39.00
N LYS B 10 9.04 -18.55 -38.88
CA LYS B 10 8.17 -19.68 -39.21
C LYS B 10 7.90 -19.79 -40.71
N SER B 11 8.09 -18.68 -41.41
CA SER B 11 7.74 -18.59 -42.83
C SER B 11 8.89 -18.89 -43.77
N SER B 12 8.58 -19.55 -44.88
CA SER B 12 9.54 -19.76 -45.96
C SER B 12 9.52 -18.56 -46.91
N SER B 13 8.48 -17.72 -46.76
CA SER B 13 8.30 -16.51 -47.54
C SER B 13 9.27 -15.39 -47.11
N ASP B 14 9.82 -15.52 -45.89
CA ASP B 14 10.81 -14.58 -45.38
C ASP B 14 12.12 -14.62 -46.16
N GLY B 15 12.62 -15.83 -46.41
CA GLY B 15 13.82 -16.02 -47.24
C GLY B 15 14.97 -16.68 -46.52
N LYS B 16 16.05 -15.91 -46.33
CA LYS B 16 17.29 -16.42 -45.73
C LYS B 16 17.22 -16.47 -44.19
N THR B 17 16.27 -17.26 -43.69
CA THR B 17 16.04 -17.39 -42.25
C THR B 17 16.19 -18.83 -41.77
N PHE B 18 16.53 -18.97 -40.49
CA PHE B 18 16.57 -20.27 -39.83
C PHE B 18 15.17 -20.69 -39.41
N LYS B 19 14.92 -21.99 -39.43
CA LYS B 19 13.61 -22.54 -39.04
C LYS B 19 13.49 -22.70 -37.52
N THR B 20 14.61 -22.99 -36.88
CA THR B 20 14.64 -23.16 -35.42
C THR B 20 15.64 -22.22 -34.77
N ILE B 21 15.36 -21.85 -33.52
CA ILE B 21 16.26 -21.00 -32.74
C ILE B 21 17.58 -21.73 -32.45
N ALA B 22 17.50 -23.03 -32.14
CA ALA B 22 18.68 -23.86 -31.89
C ALA B 22 19.67 -23.82 -33.06
N ASP B 23 19.14 -23.93 -34.28
CA ASP B 23 20.00 -23.87 -35.48
C ASP B 23 20.67 -22.52 -35.66
N ALA B 24 19.93 -21.44 -35.39
CA ALA B 24 20.49 -20.09 -35.46
C ALA B 24 21.58 -19.88 -34.42
N ILE B 25 21.36 -20.35 -33.19
CA ILE B 25 22.37 -20.26 -32.12
C ILE B 25 23.61 -21.06 -32.47
N ALA B 26 23.42 -22.28 -32.95
CA ALA B 26 24.54 -23.16 -33.31
C ALA B 26 25.39 -22.58 -34.44
N SER B 27 24.77 -21.76 -35.29
CA SER B 27 25.46 -21.20 -36.45
C SER B 27 26.47 -20.10 -36.07
N ALA B 28 26.40 -19.64 -34.83
CA ALA B 28 27.33 -18.62 -34.34
C ALA B 28 28.77 -19.16 -34.38
N PRO B 29 29.70 -18.36 -34.92
CA PRO B 29 31.11 -18.76 -34.92
C PRO B 29 31.63 -18.91 -33.49
N ALA B 30 32.54 -19.87 -33.28
CA ALA B 30 33.15 -20.08 -31.98
C ALA B 30 33.85 -18.80 -31.55
N GLY B 31 33.74 -18.47 -30.27
CA GLY B 31 34.33 -17.25 -29.75
C GLY B 31 33.38 -16.41 -28.92
N SER B 32 33.70 -15.14 -28.77
CA SER B 32 32.99 -14.25 -27.84
C SER B 32 32.64 -12.88 -28.40
N THR B 33 32.75 -12.73 -29.73
CA THR B 33 32.21 -11.56 -30.43
C THR B 33 30.69 -11.58 -30.32
N PRO B 34 30.04 -10.39 -30.26
CA PRO B 34 28.59 -10.36 -30.11
C PRO B 34 27.86 -11.07 -31.26
N PHE B 35 26.87 -11.90 -30.91
CA PHE B 35 26.05 -12.58 -31.89
C PHE B 35 24.59 -12.32 -31.54
N VAL B 36 23.87 -11.68 -32.47
CA VAL B 36 22.51 -11.22 -32.24
C VAL B 36 21.51 -11.89 -33.18
N ILE B 37 20.49 -12.51 -32.59
CA ILE B 37 19.51 -13.28 -33.36
C ILE B 37 18.12 -12.66 -33.22
N LEU B 38 17.52 -12.29 -34.36
CA LEU B 38 16.13 -11.86 -34.37
C LEU B 38 15.21 -13.07 -34.51
N ILE B 39 14.21 -13.15 -33.63
CA ILE B 39 13.24 -14.23 -33.64
C ILE B 39 11.86 -13.66 -33.99
N LYS B 40 11.38 -13.95 -35.20
CA LYS B 40 10.08 -13.46 -35.63
C LYS B 40 8.94 -14.15 -34.87
N ASN B 41 7.78 -13.50 -34.84
CA ASN B 41 6.61 -14.03 -34.12
C ASN B 41 6.30 -15.49 -34.44
N GLY B 42 5.99 -16.25 -33.40
CA GLY B 42 5.67 -17.66 -33.53
C GLY B 42 5.94 -18.37 -32.23
N VAL B 43 5.43 -19.59 -32.12
CA VAL B 43 5.69 -20.43 -30.95
C VAL B 43 6.71 -21.49 -31.35
N TYR B 44 7.89 -21.41 -30.72
CA TYR B 44 8.99 -22.31 -31.03
C TYR B 44 9.12 -23.36 -29.93
N ASN B 45 8.75 -24.58 -30.27
CA ASN B 45 8.76 -25.70 -29.34
C ASN B 45 10.17 -26.28 -29.25
N GLU B 46 10.99 -25.64 -28.42
CA GLU B 46 12.41 -25.93 -28.35
C GLU B 46 12.90 -25.85 -26.92
N ARG B 47 13.92 -26.65 -26.62
CA ARG B 47 14.68 -26.52 -25.38
C ARG B 47 16.11 -26.12 -25.74
N LEU B 48 16.61 -25.09 -25.06
CA LEU B 48 17.89 -24.49 -25.44
C LEU B 48 18.85 -24.47 -24.28
N THR B 49 20.12 -24.78 -24.56
CA THR B 49 21.19 -24.58 -23.59
C THR B 49 22.22 -23.66 -24.21
N ILE B 50 22.44 -22.50 -23.58
CA ILE B 50 23.35 -21.49 -24.10
C ILE B 50 24.71 -21.60 -23.43
N THR B 51 25.73 -21.90 -24.23
CA THR B 51 27.09 -22.05 -23.73
C THR B 51 28.06 -21.06 -24.35
N ARG B 52 27.58 -20.32 -25.35
CA ARG B 52 28.42 -19.32 -26.00
C ARG B 52 28.24 -17.96 -25.37
N ASN B 53 29.36 -17.33 -25.03
CA ASN B 53 29.37 -16.00 -24.44
C ASN B 53 28.91 -14.94 -25.44
N ASN B 54 28.31 -13.88 -24.93
CA ASN B 54 27.96 -12.70 -25.75
C ASN B 54 26.90 -13.02 -26.81
N LEU B 55 25.96 -13.89 -26.46
CA LEU B 55 24.84 -14.23 -27.35
C LEU B 55 23.61 -13.45 -26.94
N HIS B 56 22.87 -12.97 -27.94
CA HIS B 56 21.73 -12.09 -27.70
C HIS B 56 20.53 -12.44 -28.56
N LEU B 57 19.40 -12.68 -27.91
CA LEU B 57 18.15 -12.98 -28.61
C LEU B 57 17.19 -11.80 -28.55
N LYS B 58 16.58 -11.49 -29.68
CA LYS B 58 15.59 -10.43 -29.74
C LYS B 58 14.33 -10.94 -30.43
N GLY B 59 13.23 -11.01 -29.70
CA GLY B 59 11.95 -11.41 -30.27
C GLY B 59 11.27 -10.24 -30.95
N GLU B 60 10.43 -10.53 -31.94
CA GLU B 60 9.68 -9.51 -32.65
C GLU B 60 8.72 -8.77 -31.70
N SER B 61 8.17 -9.52 -30.74
CA SER B 61 7.29 -8.97 -29.71
C SER B 61 7.21 -9.94 -28.53
N ARG B 62 7.08 -9.40 -27.33
CA ARG B 62 6.91 -10.24 -26.14
C ARG B 62 5.64 -11.09 -26.25
N ASN B 63 4.57 -10.48 -26.77
CA ASN B 63 3.28 -11.15 -26.94
C ASN B 63 3.33 -12.33 -27.93
N GLY B 64 4.11 -12.17 -29.00
CA GLY B 64 4.06 -13.09 -30.14
C GLY B 64 5.25 -14.01 -30.37
N ALA B 65 6.40 -13.69 -29.77
CA ALA B 65 7.60 -14.52 -29.95
C ALA B 65 7.81 -15.34 -28.69
N VAL B 66 7.55 -16.64 -28.81
CA VAL B 66 7.45 -17.55 -27.67
C VAL B 66 8.38 -18.74 -27.83
N ILE B 67 9.18 -19.02 -26.80
CA ILE B 67 9.98 -20.24 -26.73
C ILE B 67 9.37 -21.11 -25.63
N ALA B 68 8.92 -22.31 -25.99
CA ALA B 68 8.13 -23.12 -25.06
C ALA B 68 8.40 -24.62 -25.17
N ALA B 69 8.46 -25.29 -24.03
CA ALA B 69 8.51 -26.74 -23.96
C ALA B 69 7.89 -27.18 -22.63
N ALA B 70 7.42 -28.42 -22.58
CA ALA B 70 6.80 -28.96 -21.38
C ALA B 70 7.68 -30.06 -20.78
N THR B 71 8.23 -29.77 -19.61
CA THR B 71 9.10 -30.72 -18.91
C THR B 71 9.00 -30.49 -17.40
N ALA B 72 8.59 -31.51 -16.67
CA ALA B 72 8.62 -31.44 -15.21
C ALA B 72 9.84 -32.18 -14.67
N ALA B 73 10.20 -31.90 -13.42
CA ALA B 73 11.31 -32.59 -12.75
C ALA B 73 11.08 -34.10 -12.75
N GLY B 74 9.83 -34.51 -12.59
CA GLY B 74 9.43 -35.91 -12.58
C GLY B 74 9.15 -36.54 -13.94
N THR B 75 9.29 -35.76 -15.01
CA THR B 75 9.19 -36.28 -16.38
C THR B 75 10.37 -37.23 -16.57
N LEU B 76 10.10 -38.38 -17.18
CA LEU B 76 11.14 -39.39 -17.37
C LEU B 76 11.86 -39.27 -18.71
N LYS B 77 13.18 -39.46 -18.68
CA LYS B 77 13.99 -39.55 -19.89
C LYS B 77 13.87 -40.94 -20.50
N SER B 78 14.62 -41.18 -21.58
CA SER B 78 14.67 -42.48 -22.25
C SER B 78 15.19 -43.60 -21.35
N ASP B 79 16.21 -43.31 -20.54
CA ASP B 79 16.80 -44.30 -19.64
C ASP B 79 15.96 -44.58 -18.38
N GLY B 80 14.82 -43.89 -18.27
CA GLY B 80 13.90 -44.09 -17.16
C GLY B 80 14.16 -43.21 -15.95
N SER B 81 15.20 -42.36 -16.04
CA SER B 81 15.53 -41.45 -14.95
C SER B 81 14.79 -40.13 -15.13
N LYS B 82 14.57 -39.44 -14.02
CA LYS B 82 13.88 -38.15 -14.01
C LYS B 82 14.81 -37.05 -14.52
N TRP B 83 14.22 -36.05 -15.16
CA TRP B 83 14.96 -34.86 -15.59
C TRP B 83 15.52 -34.09 -14.39
N GLY B 84 14.72 -33.99 -13.32
CA GLY B 84 15.08 -33.19 -12.16
C GLY B 84 14.76 -31.73 -12.38
N THR B 85 14.90 -30.93 -11.33
CA THR B 85 14.52 -29.51 -11.40
C THR B 85 15.40 -28.73 -12.39
N ALA B 86 16.72 -28.79 -12.20
CA ALA B 86 17.64 -28.13 -13.14
C ALA B 86 17.42 -28.65 -14.56
N GLY B 87 17.27 -29.97 -14.67
CA GLY B 87 17.10 -30.62 -15.97
C GLY B 87 15.80 -30.33 -16.69
N SER B 88 14.84 -29.76 -15.98
CA SER B 88 13.50 -29.50 -16.53
C SER B 88 13.40 -28.21 -17.34
N SER B 89 14.47 -27.39 -17.30
CA SER B 89 14.37 -26.02 -17.81
C SER B 89 14.19 -25.93 -19.32
N THR B 90 13.32 -25.04 -19.76
CA THR B 90 13.14 -24.77 -21.18
C THR B 90 14.39 -24.11 -21.76
N ILE B 91 14.86 -23.06 -21.08
CA ILE B 91 16.11 -22.42 -21.48
C ILE B 91 17.10 -22.45 -20.32
N THR B 92 18.32 -22.90 -20.62
CA THR B 92 19.40 -22.93 -19.64
C THR B 92 20.50 -22.00 -20.12
N ILE B 93 20.86 -21.01 -19.30
CA ILE B 93 21.94 -20.06 -19.62
C ILE B 93 23.19 -20.45 -18.85
N SER B 94 24.20 -20.93 -19.58
CA SER B 94 25.46 -21.37 -19.00
C SER B 94 26.60 -20.62 -19.69
N ALA B 95 26.39 -19.32 -19.89
CA ALA B 95 27.37 -18.46 -20.54
C ALA B 95 27.31 -17.06 -19.95
N LYS B 96 28.30 -16.25 -20.29
CA LYS B 96 28.37 -14.88 -19.83
C LYS B 96 27.80 -13.92 -20.88
N ASP B 97 27.33 -12.77 -20.40
CA ASP B 97 26.86 -11.68 -21.26
C ASP B 97 25.76 -12.07 -22.24
N PHE B 98 24.85 -12.90 -21.76
CA PHE B 98 23.65 -13.23 -22.50
C PHE B 98 22.60 -12.13 -22.35
N SER B 99 21.83 -11.88 -23.39
CA SER B 99 20.62 -11.09 -23.24
C SER B 99 19.47 -11.65 -24.05
N ALA B 100 18.26 -11.49 -23.51
CA ALA B 100 17.04 -11.75 -24.26
C ALA B 100 16.13 -10.54 -24.12
N GLN B 101 15.52 -10.15 -25.24
CA GLN B 101 14.62 -8.99 -25.27
C GLN B 101 13.33 -9.33 -26.03
N SER B 102 12.20 -8.83 -25.52
CA SER B 102 10.90 -8.87 -26.21
C SER B 102 10.51 -10.27 -26.66
N LEU B 103 10.46 -11.20 -25.72
CA LEU B 103 10.05 -12.57 -25.99
C LEU B 103 9.52 -13.24 -24.74
N THR B 104 8.81 -14.34 -24.93
CA THR B 104 8.25 -15.12 -23.84
C THR B 104 8.95 -16.47 -23.78
N ILE B 105 9.28 -16.90 -22.56
CA ILE B 105 9.85 -18.24 -22.33
C ILE B 105 8.92 -18.99 -21.39
N ARG B 106 8.43 -20.15 -21.82
CA ARG B 106 7.47 -20.91 -21.02
C ARG B 106 7.95 -22.31 -20.73
N ASN B 107 7.61 -22.81 -19.55
CA ASN B 107 7.50 -24.25 -19.35
C ASN B 107 6.02 -24.60 -19.38
N ASP B 108 5.63 -25.42 -20.36
CA ASP B 108 4.22 -25.72 -20.59
C ASP B 108 3.71 -26.95 -19.84
N PHE B 109 4.49 -27.45 -18.88
CA PHE B 109 4.00 -28.51 -18.02
C PHE B 109 2.67 -28.07 -17.41
N ASP B 110 1.63 -28.86 -17.69
CA ASP B 110 0.28 -28.52 -17.27
C ASP B 110 0.07 -28.95 -15.84
N PHE B 111 0.57 -28.12 -14.91
CA PHE B 111 0.47 -28.42 -13.49
C PHE B 111 -0.98 -28.67 -13.03
N PRO B 112 -1.93 -27.76 -13.38
CA PRO B 112 -3.32 -28.02 -12.93
C PRO B 112 -3.92 -29.34 -13.46
N ALA B 113 -3.65 -29.69 -14.72
CA ALA B 113 -4.13 -30.95 -15.27
C ALA B 113 -3.48 -32.12 -14.52
N ASN B 114 -2.19 -31.99 -14.21
CA ASN B 114 -1.50 -33.02 -13.42
C ASN B 114 -2.16 -33.26 -12.07
N GLN B 115 -2.46 -32.18 -11.36
CA GLN B 115 -3.04 -32.27 -10.02
C GLN B 115 -4.44 -32.85 -10.03
N ALA B 116 -5.15 -32.61 -11.13
CA ALA B 116 -6.52 -33.10 -11.31
C ALA B 116 -6.58 -34.61 -11.59
N LYS B 117 -5.43 -35.20 -11.95
CA LYS B 117 -5.38 -36.63 -12.21
C LYS B 117 -5.68 -37.41 -10.93
N SER B 118 -6.29 -38.57 -11.10
CA SER B 118 -6.54 -39.47 -9.97
C SER B 118 -5.22 -39.91 -9.36
N ASP B 119 -5.21 -40.09 -8.04
CA ASP B 119 -4.00 -40.46 -7.31
C ASP B 119 -3.36 -41.78 -7.78
N SER B 120 -4.18 -42.69 -8.31
CA SER B 120 -3.70 -43.98 -8.79
C SER B 120 -3.17 -43.93 -10.22
N ASP B 121 -3.37 -42.80 -10.90
CA ASP B 121 -2.90 -42.59 -12.27
C ASP B 121 -1.38 -42.57 -12.29
N SER B 122 -0.78 -43.57 -12.95
CA SER B 122 0.68 -43.72 -12.97
C SER B 122 1.40 -42.58 -13.70
N SER B 123 0.64 -41.82 -14.49
CA SER B 123 1.19 -40.67 -15.23
C SER B 123 1.17 -39.39 -14.41
N LYS B 124 0.54 -39.44 -13.23
CA LYS B 124 0.52 -38.30 -12.32
C LYS B 124 1.90 -38.09 -11.68
N ILE B 125 2.47 -36.92 -11.94
CA ILE B 125 3.83 -36.59 -11.50
C ILE B 125 3.82 -35.98 -10.09
N LYS B 126 4.73 -36.45 -9.24
CA LYS B 126 4.91 -35.90 -7.89
C LYS B 126 5.90 -34.74 -7.88
N ASP B 127 6.97 -34.88 -8.66
CA ASP B 127 8.01 -33.85 -8.74
C ASP B 127 7.61 -32.80 -9.77
N THR B 128 6.82 -31.83 -9.31
CA THR B 128 6.07 -30.92 -10.18
C THR B 128 6.81 -29.62 -10.55
N GLN B 129 8.04 -29.46 -10.08
CA GLN B 129 8.82 -28.31 -10.55
C GLN B 129 9.00 -28.38 -12.05
N ALA B 130 8.83 -27.25 -12.72
CA ALA B 130 8.97 -27.21 -14.16
C ALA B 130 9.51 -25.83 -14.55
N VAL B 131 10.82 -25.76 -14.68
CA VAL B 131 11.53 -24.51 -14.83
C VAL B 131 11.42 -23.93 -16.25
N ALA B 132 11.12 -22.64 -16.34
CA ALA B 132 11.09 -21.95 -17.63
C ALA B 132 12.49 -21.51 -18.02
N LEU B 133 13.16 -20.82 -17.08
CA LEU B 133 14.49 -20.25 -17.33
C LEU B 133 15.41 -20.57 -16.17
N TYR B 134 16.61 -21.03 -16.51
CA TYR B 134 17.62 -21.39 -15.51
C TYR B 134 18.92 -20.69 -15.85
N VAL B 135 19.38 -19.83 -14.96
CA VAL B 135 20.72 -19.22 -15.10
C VAL B 135 21.63 -20.00 -14.17
N THR B 136 22.63 -20.67 -14.73
CA THR B 136 23.43 -21.64 -13.95
C THR B 136 24.59 -20.99 -13.21
N LYS B 137 25.36 -21.80 -12.49
CA LYS B 137 26.54 -21.33 -11.76
C LYS B 137 27.57 -20.68 -12.70
N SER B 138 27.51 -21.05 -13.97
CA SER B 138 28.42 -20.52 -15.00
C SER B 138 27.92 -19.21 -15.59
N GLY B 139 26.63 -18.94 -15.41
CA GLY B 139 26.03 -17.72 -15.91
C GLY B 139 26.40 -16.52 -15.06
N ASP B 140 26.78 -15.45 -15.75
CA ASP B 140 26.99 -14.16 -15.11
C ASP B 140 26.68 -13.09 -16.14
N ARG B 141 26.11 -11.98 -15.67
CA ARG B 141 25.78 -10.84 -16.52
C ARG B 141 24.74 -11.24 -17.57
N ALA B 142 23.62 -11.80 -17.09
CA ALA B 142 22.51 -12.19 -17.96
C ALA B 142 21.40 -11.16 -17.84
N TYR B 143 20.99 -10.59 -18.98
CA TYR B 143 20.06 -9.46 -19.00
C TYR B 143 18.77 -9.83 -19.74
N PHE B 144 17.63 -9.62 -19.08
CA PHE B 144 16.33 -9.93 -19.66
C PHE B 144 15.46 -8.69 -19.63
N LYS B 145 15.15 -8.16 -20.82
CA LYS B 145 14.36 -6.94 -20.94
C LYS B 145 13.08 -7.19 -21.72
N ASP B 146 11.94 -6.79 -21.14
CA ASP B 146 10.64 -6.99 -21.79
C ASP B 146 10.46 -8.48 -22.11
N VAL B 147 10.73 -9.32 -21.11
CA VAL B 147 10.63 -10.76 -21.25
C VAL B 147 9.51 -11.24 -20.33
N SER B 148 8.77 -12.25 -20.78
CA SER B 148 7.76 -12.90 -19.96
C SER B 148 8.21 -14.32 -19.68
N LEU B 149 8.19 -14.71 -18.40
CA LEU B 149 8.53 -16.07 -17.99
C LEU B 149 7.30 -16.74 -17.40
N VAL B 150 6.95 -17.90 -17.94
CA VAL B 150 5.70 -18.59 -17.60
C VAL B 150 5.95 -19.97 -17.01
N GLY B 151 5.31 -20.22 -15.87
CA GLY B 151 5.29 -21.55 -15.29
C GLY B 151 4.37 -21.60 -14.09
N TYR B 152 4.44 -22.71 -13.36
CA TYR B 152 3.73 -22.83 -12.10
C TYR B 152 4.77 -22.97 -10.98
N GLN B 153 5.12 -24.19 -10.62
CA GLN B 153 6.16 -24.38 -9.62
C GLN B 153 7.55 -24.19 -10.23
N ALA B 154 8.37 -23.36 -9.58
CA ALA B 154 9.81 -23.21 -9.91
C ALA B 154 10.08 -22.59 -11.29
N THR B 155 9.30 -21.57 -11.63
CA THR B 155 9.42 -20.93 -12.96
C THR B 155 10.83 -20.44 -13.30
N LEU B 156 11.45 -19.72 -12.37
CA LEU B 156 12.73 -19.06 -12.63
C LEU B 156 13.77 -19.49 -11.62
N TYR B 157 14.82 -20.15 -12.12
CA TYR B 157 15.91 -20.68 -11.31
C TYR B 157 17.11 -19.78 -11.58
N VAL B 158 17.44 -18.93 -10.61
CA VAL B 158 18.58 -18.02 -10.74
C VAL B 158 19.72 -18.44 -9.82
N SER B 159 20.76 -18.98 -10.44
CA SER B 159 21.95 -19.41 -9.73
C SER B 159 23.14 -18.61 -10.27
N GLY B 160 24.33 -18.93 -9.77
CA GLY B 160 25.55 -18.32 -10.28
C GLY B 160 25.71 -16.85 -9.96
N GLY B 161 26.02 -16.06 -10.97
CA GLY B 161 26.37 -14.66 -10.79
C GLY B 161 25.17 -13.74 -10.85
N ARG B 162 25.31 -12.67 -11.63
CA ARG B 162 24.34 -11.60 -11.66
C ARG B 162 23.42 -11.69 -12.86
N SER B 163 22.13 -11.51 -12.59
CA SER B 163 21.11 -11.42 -13.64
C SER B 163 20.28 -10.18 -13.36
N PHE B 164 19.77 -9.57 -14.42
CA PHE B 164 18.95 -8.38 -14.30
C PHE B 164 17.71 -8.56 -15.16
N PHE B 165 16.55 -8.35 -14.54
CA PHE B 165 15.26 -8.47 -15.21
C PHE B 165 14.57 -7.12 -15.18
N SER B 166 14.17 -6.63 -16.35
CA SER B 166 13.61 -5.28 -16.48
C SER B 166 12.36 -5.30 -17.36
N ASP B 167 11.29 -4.65 -16.91
CA ASP B 167 10.04 -4.55 -17.67
C ASP B 167 9.49 -5.94 -17.99
N CYS B 168 9.54 -6.80 -16.98
CA CYS B 168 9.31 -8.22 -17.17
C CYS B 168 7.98 -8.67 -16.57
N ARG B 169 7.53 -9.85 -17.01
CA ARG B 169 6.40 -10.53 -16.36
C ARG B 169 6.92 -11.91 -15.97
N ILE B 170 6.63 -12.31 -14.73
CA ILE B 170 7.01 -13.63 -14.26
C ILE B 170 5.83 -14.21 -13.51
N SER B 171 5.37 -15.39 -13.94
CA SER B 171 4.21 -16.02 -13.29
C SER B 171 4.55 -17.37 -12.68
N GLY B 172 3.79 -17.75 -11.67
CA GLY B 172 4.02 -19.03 -11.02
C GLY B 172 3.23 -19.20 -9.74
N THR B 173 3.54 -20.29 -9.05
CA THR B 173 2.85 -20.66 -7.83
C THR B 173 3.85 -20.84 -6.68
N VAL B 174 4.45 -22.02 -6.61
CA VAL B 174 5.34 -22.39 -5.51
C VAL B 174 6.80 -22.12 -5.87
N ASP B 175 7.43 -21.25 -5.08
CA ASP B 175 8.87 -20.96 -5.19
C ASP B 175 9.25 -20.56 -6.62
N PHE B 176 8.50 -19.61 -7.20
CA PHE B 176 8.66 -19.39 -8.63
C PHE B 176 9.82 -18.50 -9.05
N ILE B 177 10.47 -17.89 -8.07
CA ILE B 177 11.79 -17.30 -8.28
C ILE B 177 12.65 -17.88 -7.17
N PHE B 178 13.66 -18.68 -7.54
CA PHE B 178 14.44 -19.39 -6.54
C PHE B 178 15.89 -19.55 -6.93
N GLY B 179 16.74 -19.80 -5.93
CA GLY B 179 18.16 -20.01 -6.19
C GLY B 179 19.08 -19.06 -5.47
N ASP B 180 20.38 -19.19 -5.76
CA ASP B 180 21.43 -18.56 -4.98
C ASP B 180 22.12 -17.42 -5.73
N GLY B 181 21.59 -17.05 -6.89
CA GLY B 181 22.17 -15.98 -7.70
C GLY B 181 21.89 -14.59 -7.16
N THR B 182 22.59 -13.61 -7.71
CA THR B 182 22.27 -12.22 -7.48
C THR B 182 21.34 -11.83 -8.62
N ALA B 183 20.05 -11.65 -8.31
CA ALA B 183 19.06 -11.38 -9.34
C ALA B 183 18.30 -10.12 -8.97
N LEU B 184 18.40 -9.10 -9.83
CA LEU B 184 17.72 -7.83 -9.62
C LEU B 184 16.56 -7.73 -10.59
N PHE B 185 15.40 -7.36 -10.06
CA PHE B 185 14.18 -7.22 -10.85
C PHE B 185 13.70 -5.79 -10.73
N ASN B 186 13.50 -5.13 -11.87
CA ASN B 186 13.00 -3.77 -11.85
C ASN B 186 11.83 -3.58 -12.81
N ASN B 187 10.77 -2.95 -12.31
CA ASN B 187 9.55 -2.71 -13.10
C ASN B 187 8.98 -3.99 -13.70
N CYS B 188 8.90 -5.03 -12.86
CA CYS B 188 8.36 -6.30 -13.28
C CYS B 188 6.99 -6.57 -12.66
N ASP B 189 6.17 -7.35 -13.35
CA ASP B 189 4.94 -7.87 -12.78
C ASP B 189 5.17 -9.31 -12.34
N LEU B 190 5.05 -9.55 -11.03
CA LEU B 190 5.19 -10.89 -10.46
C LEU B 190 3.78 -11.42 -10.20
N VAL B 191 3.40 -12.43 -10.98
CA VAL B 191 2.00 -12.85 -11.05
C VAL B 191 1.79 -14.17 -10.32
N SER B 192 1.07 -14.11 -9.21
CA SER B 192 0.71 -15.30 -8.41
C SER B 192 -0.51 -15.96 -9.01
N ARG B 193 -0.38 -17.25 -9.32
CA ARG B 193 -1.40 -17.98 -10.07
C ARG B 193 -2.40 -18.74 -9.21
N TYR B 194 -3.61 -18.93 -9.75
CA TYR B 194 -4.68 -19.64 -9.08
C TYR B 194 -4.36 -21.13 -8.94
N ARG B 195 -4.58 -21.68 -7.75
CA ARG B 195 -4.41 -23.11 -7.45
C ARG B 195 -5.77 -23.77 -7.24
N ALA B 196 -6.25 -24.50 -8.24
CA ALA B 196 -7.52 -25.22 -8.13
C ALA B 196 -7.44 -26.36 -7.11
N ASP B 197 -6.22 -26.80 -6.80
CA ASP B 197 -5.97 -27.99 -5.98
C ASP B 197 -5.68 -27.70 -4.51
N VAL B 198 -5.77 -26.43 -4.12
CA VAL B 198 -5.48 -26.02 -2.75
C VAL B 198 -6.76 -25.67 -2.00
N LYS B 199 -6.96 -26.32 -0.85
CA LYS B 199 -8.13 -26.11 0.00
C LYS B 199 -8.18 -24.70 0.53
N SER B 200 -9.39 -24.16 0.66
CA SER B 200 -9.61 -22.87 1.29
C SER B 200 -8.93 -22.86 2.65
N GLY B 201 -8.11 -21.86 2.91
CA GLY B 201 -7.38 -21.74 4.18
C GLY B 201 -5.95 -22.23 4.16
N ASN B 202 -5.56 -22.90 3.07
CA ASN B 202 -4.17 -23.34 2.89
C ASN B 202 -3.41 -22.42 1.95
N VAL B 203 -2.09 -22.55 1.94
CA VAL B 203 -1.22 -21.68 1.13
C VAL B 203 -1.18 -22.14 -0.33
N SER B 204 -1.33 -21.18 -1.25
CA SER B 204 -1.23 -21.45 -2.69
C SER B 204 0.19 -21.39 -3.23
N GLY B 205 1.04 -20.55 -2.65
CA GLY B 205 2.41 -20.47 -3.16
C GLY B 205 3.30 -19.47 -2.45
N TYR B 206 4.50 -19.29 -3.01
CA TYR B 206 5.55 -18.42 -2.44
C TYR B 206 6.27 -17.81 -3.63
N LEU B 207 6.40 -16.48 -3.64
CA LEU B 207 7.04 -15.80 -4.76
C LEU B 207 8.49 -16.20 -4.90
N THR B 208 9.18 -16.27 -3.77
CA THR B 208 10.63 -16.50 -3.79
C THR B 208 11.05 -17.63 -2.86
N ALA B 209 12.11 -18.32 -3.25
CA ALA B 209 12.77 -19.27 -2.36
C ALA B 209 14.28 -19.13 -2.53
N PRO B 210 14.86 -18.07 -1.94
CA PRO B 210 16.29 -17.80 -2.11
C PRO B 210 17.14 -18.80 -1.32
N SER B 211 18.29 -19.16 -1.90
CA SER B 211 19.27 -20.04 -1.28
C SER B 211 20.63 -19.35 -1.17
N THR B 212 20.58 -18.02 -1.16
CA THR B 212 21.76 -17.15 -1.16
C THR B 212 22.72 -17.55 -0.05
N ASN B 213 23.98 -17.83 -0.40
CA ASN B 213 25.01 -18.09 0.62
C ASN B 213 25.14 -16.89 1.55
N ILE B 214 25.32 -17.17 2.85
CA ILE B 214 25.41 -16.11 3.86
C ILE B 214 26.51 -15.07 3.57
N ASN B 215 27.58 -15.50 2.90
CA ASN B 215 28.72 -14.62 2.58
C ASN B 215 28.51 -13.79 1.31
N GLN B 216 27.44 -14.08 0.58
CA GLN B 216 27.11 -13.33 -0.63
C GLN B 216 26.22 -12.14 -0.24
N LYS B 217 26.62 -10.95 -0.67
CA LYS B 217 25.98 -9.71 -0.22
C LYS B 217 24.52 -9.58 -0.70
N TYR B 218 24.27 -9.93 -1.96
CA TYR B 218 22.94 -9.79 -2.55
C TYR B 218 22.37 -11.07 -3.13
N GLY B 219 21.09 -11.31 -2.86
CA GLY B 219 20.36 -12.42 -3.44
C GLY B 219 19.31 -11.90 -4.40
N LEU B 220 18.05 -12.09 -4.03
CA LEU B 220 16.92 -11.66 -4.86
C LEU B 220 16.47 -10.27 -4.44
N VAL B 221 16.60 -9.31 -5.35
CA VAL B 221 16.26 -7.92 -5.05
C VAL B 221 15.20 -7.45 -6.04
N ILE B 222 14.03 -7.09 -5.52
CA ILE B 222 12.88 -6.73 -6.35
C ILE B 222 12.56 -5.25 -6.13
N THR B 223 12.63 -4.46 -7.21
CA THR B 223 12.47 -3.01 -7.08
C THR B 223 11.42 -2.44 -8.03
N ASN B 224 10.66 -1.44 -7.57
CA ASN B 224 9.71 -0.71 -8.43
C ASN B 224 8.80 -1.64 -9.23
N SER B 225 8.33 -2.70 -8.58
CA SER B 225 7.60 -3.76 -9.26
C SER B 225 6.17 -3.88 -8.74
N ARG B 226 5.44 -4.85 -9.29
CA ARG B 226 4.06 -5.09 -8.91
C ARG B 226 3.86 -6.57 -8.61
N VAL B 227 3.41 -6.86 -7.40
CA VAL B 227 3.11 -8.21 -6.96
C VAL B 227 1.60 -8.37 -7.05
N ILE B 228 1.17 -9.13 -8.06
CA ILE B 228 -0.24 -9.14 -8.47
C ILE B 228 -0.83 -10.54 -8.50
N ARG B 229 -2.14 -10.63 -8.29
CA ARG B 229 -2.87 -11.88 -8.44
C ARG B 229 -3.26 -12.10 -9.90
N GLU B 230 -3.23 -13.35 -10.33
CA GLU B 230 -3.59 -13.74 -11.68
C GLU B 230 -5.07 -13.47 -11.96
N SER B 231 -5.91 -13.68 -10.95
CA SER B 231 -7.36 -13.54 -11.06
C SER B 231 -7.93 -13.26 -9.68
N ASP B 232 -9.20 -12.82 -9.64
CA ASP B 232 -9.89 -12.58 -8.37
C ASP B 232 -10.18 -13.85 -7.58
N SER B 233 -9.98 -15.02 -8.21
CA SER B 233 -10.14 -16.31 -7.54
C SER B 233 -8.94 -16.67 -6.66
N VAL B 234 -7.82 -15.97 -6.85
CA VAL B 234 -6.67 -16.13 -5.97
C VAL B 234 -7.03 -15.47 -4.63
N PRO B 235 -7.18 -16.28 -3.57
CA PRO B 235 -7.69 -15.78 -2.28
C PRO B 235 -6.78 -14.77 -1.62
N ALA B 236 -7.36 -13.91 -0.77
CA ALA B 236 -6.55 -13.08 0.13
C ALA B 236 -5.71 -13.98 1.02
N LYS B 237 -4.50 -13.52 1.34
CA LYS B 237 -3.59 -14.20 2.28
C LYS B 237 -3.28 -15.65 1.87
N SER B 238 -2.99 -15.83 0.58
CA SER B 238 -2.73 -17.16 0.01
C SER B 238 -1.28 -17.33 -0.45
N TYR B 239 -0.54 -16.24 -0.51
CA TYR B 239 0.85 -16.26 -1.03
C TYR B 239 1.87 -15.67 -0.08
N GLY B 240 3.00 -16.38 0.08
CA GLY B 240 4.13 -15.85 0.84
C GLY B 240 5.07 -15.06 -0.06
N LEU B 241 5.71 -14.03 0.50
CA LEU B 241 6.71 -13.26 -0.24
C LEU B 241 7.95 -14.12 -0.49
N GLY B 242 8.21 -15.04 0.42
CA GLY B 242 9.39 -15.89 0.33
C GLY B 242 9.46 -16.89 1.46
N ARG B 243 10.19 -17.98 1.21
CA ARG B 243 10.56 -18.92 2.26
C ARG B 243 12.02 -19.34 2.02
N PRO B 244 12.74 -19.75 3.08
CA PRO B 244 14.18 -19.96 2.93
C PRO B 244 14.58 -21.34 2.41
N TRP B 245 15.08 -21.37 1.17
CA TRP B 245 15.53 -22.62 0.57
C TRP B 245 16.96 -22.94 0.96
N HIS B 246 17.12 -24.05 1.67
CA HIS B 246 18.45 -24.57 2.03
C HIS B 246 18.63 -25.85 1.21
N PRO B 247 19.25 -25.73 0.01
CA PRO B 247 19.26 -26.86 -0.92
C PRO B 247 19.98 -28.09 -0.36
N THR B 248 19.44 -29.26 -0.66
CA THR B 248 20.16 -30.50 -0.39
C THR B 248 21.51 -30.43 -1.12
N THR B 249 22.58 -30.61 -0.36
CA THR B 249 23.94 -30.37 -0.84
C THR B 249 24.85 -31.46 -0.31
N THR B 250 25.79 -31.91 -1.14
CA THR B 250 26.76 -32.92 -0.74
C THR B 250 27.94 -32.28 0.02
N PHE B 251 28.10 -32.70 1.27
CA PHE B 251 29.21 -32.29 2.11
C PHE B 251 30.08 -33.49 2.47
N SER B 252 31.22 -33.23 3.08
CA SER B 252 32.11 -34.30 3.50
C SER B 252 31.43 -35.24 4.52
N ASP B 253 30.47 -34.71 5.27
CA ASP B 253 29.75 -35.53 6.25
C ASP B 253 28.32 -35.91 5.83
N GLY B 254 28.05 -35.91 4.53
CA GLY B 254 26.78 -36.41 4.00
C GLY B 254 26.05 -35.40 3.15
N ARG B 255 24.86 -35.80 2.69
CA ARG B 255 24.05 -34.98 1.80
C ARG B 255 22.81 -34.50 2.55
N TYR B 256 22.70 -33.19 2.73
CA TYR B 256 21.61 -32.60 3.52
C TYR B 256 21.45 -31.10 3.23
N ALA B 257 20.40 -30.51 3.81
CA ALA B 257 20.10 -29.09 3.62
C ALA B 257 21.26 -28.19 4.04
N ASP B 258 21.73 -27.36 3.11
CA ASP B 258 22.87 -26.48 3.33
C ASP B 258 22.60 -25.46 4.46
N PRO B 259 23.34 -25.56 5.59
CA PRO B 259 23.09 -24.64 6.71
C PRO B 259 23.41 -23.17 6.39
N ASN B 260 24.33 -22.95 5.45
CA ASN B 260 24.82 -21.60 5.13
C ASN B 260 24.09 -20.92 3.98
N ALA B 261 23.12 -21.62 3.40
CA ALA B 261 22.24 -21.02 2.40
C ALA B 261 21.14 -20.25 3.12
N ILE B 262 21.49 -19.06 3.59
CA ILE B 262 20.58 -18.21 4.34
C ILE B 262 20.09 -17.12 3.39
N GLY B 263 18.99 -17.42 2.72
CA GLY B 263 18.56 -16.66 1.55
C GLY B 263 18.18 -15.21 1.80
N GLN B 264 18.38 -14.38 0.78
CA GLN B 264 17.98 -12.98 0.83
C GLN B 264 16.91 -12.69 -0.23
N THR B 265 15.80 -12.12 0.23
CA THR B 265 14.82 -11.50 -0.66
C THR B 265 14.52 -10.13 -0.09
N VAL B 266 14.71 -9.09 -0.91
CA VAL B 266 14.40 -7.72 -0.49
C VAL B 266 13.48 -7.07 -1.52
N PHE B 267 12.33 -6.57 -1.04
CA PHE B 267 11.41 -5.80 -1.88
C PHE B 267 11.56 -4.32 -1.57
N LEU B 268 11.72 -3.51 -2.61
CA LEU B 268 11.77 -2.06 -2.45
C LEU B 268 10.77 -1.37 -3.38
N ASN B 269 9.99 -0.44 -2.82
CA ASN B 269 9.04 0.36 -3.59
C ASN B 269 8.16 -0.49 -4.53
N THR B 270 7.63 -1.58 -3.98
CA THR B 270 6.88 -2.56 -4.77
C THR B 270 5.44 -2.65 -4.29
N SER B 271 4.49 -2.66 -5.22
CA SER B 271 3.08 -2.82 -4.88
C SER B 271 2.74 -4.29 -4.65
N MET B 272 1.82 -4.53 -3.71
CA MET B 272 1.43 -5.89 -3.35
C MET B 272 -0.06 -5.94 -3.13
N ASP B 273 -0.74 -6.85 -3.82
CA ASP B 273 -2.17 -7.08 -3.58
C ASP B 273 -2.37 -7.93 -2.33
N ASN B 274 -3.61 -8.06 -1.88
CA ASN B 274 -3.87 -8.70 -0.60
C ASN B 274 -3.78 -10.23 -0.59
N HIS B 275 -3.37 -10.83 -1.72
CA HIS B 275 -3.05 -12.26 -1.71
C HIS B 275 -1.79 -12.55 -0.86
N ILE B 276 -0.98 -11.52 -0.64
CA ILE B 276 0.24 -11.64 0.16
C ILE B 276 -0.10 -11.63 1.65
N TYR B 277 0.39 -12.63 2.39
CA TYR B 277 0.24 -12.66 3.86
C TYR B 277 1.51 -12.30 4.64
N GLY B 278 2.65 -12.31 3.96
CA GLY B 278 3.95 -12.09 4.61
C GLY B 278 4.95 -13.18 4.21
N TRP B 279 5.89 -13.46 5.10
CA TRP B 279 6.94 -14.45 4.84
C TRP B 279 6.56 -15.81 5.43
N ASP B 280 7.30 -16.86 5.05
CA ASP B 280 7.02 -18.19 5.57
C ASP B 280 8.29 -19.00 5.83
N LYS B 281 8.11 -20.14 6.49
CA LYS B 281 9.19 -21.09 6.76
C LYS B 281 9.27 -22.16 5.67
N MET B 282 10.33 -22.95 5.69
CA MET B 282 10.50 -24.02 4.72
C MET B 282 11.28 -25.15 5.40
N SER B 283 10.92 -26.39 5.06
CA SER B 283 11.59 -27.55 5.65
C SER B 283 12.60 -28.21 4.70
N GLY B 284 13.56 -28.89 5.31
CA GLY B 284 14.52 -29.72 4.59
C GLY B 284 14.90 -30.89 5.48
N LYS B 285 15.93 -31.62 5.08
CA LYS B 285 16.43 -32.73 5.89
C LYS B 285 17.82 -32.38 6.41
N ASP B 286 18.05 -32.60 7.70
CA ASP B 286 19.34 -32.27 8.29
C ASP B 286 20.37 -33.40 8.16
N LYS B 287 21.55 -33.21 8.74
CA LYS B 287 22.66 -34.16 8.60
C LYS B 287 22.38 -35.53 9.23
N ASN B 288 21.33 -35.59 10.05
CA ASN B 288 20.93 -36.85 10.68
C ASN B 288 19.74 -37.50 10.01
N GLY B 289 19.21 -36.87 8.97
CA GLY B 289 18.04 -37.37 8.27
C GLY B 289 16.71 -36.94 8.86
N ASN B 290 16.75 -36.06 9.87
CA ASN B 290 15.52 -35.52 10.46
C ASN B 290 15.01 -34.30 9.73
N THR B 291 13.70 -34.08 9.82
CA THR B 291 13.11 -32.84 9.32
C THR B 291 13.67 -31.66 10.10
N ILE B 292 14.05 -30.62 9.37
CA ILE B 292 14.53 -29.37 9.94
C ILE B 292 13.76 -28.23 9.30
N TRP B 293 13.32 -27.28 10.12
CA TRP B 293 12.60 -26.11 9.64
C TRP B 293 13.48 -24.87 9.65
N PHE B 294 13.44 -24.14 8.54
CA PHE B 294 14.18 -22.89 8.41
C PHE B 294 13.20 -21.72 8.45
N ASN B 295 13.44 -20.79 9.36
CA ASN B 295 12.46 -19.75 9.67
C ASN B 295 12.77 -18.40 9.02
N PRO B 296 11.70 -17.66 8.64
CA PRO B 296 11.90 -16.38 7.96
C PRO B 296 12.62 -15.34 8.81
N GLU B 297 12.41 -15.38 10.13
CA GLU B 297 13.08 -14.46 11.05
C GLU B 297 14.59 -14.64 11.09
N ASP B 298 15.06 -15.83 10.71
CA ASP B 298 16.50 -16.15 10.67
C ASP B 298 17.08 -15.95 9.28
N SER B 299 16.25 -15.48 8.35
CA SER B 299 16.66 -15.27 6.96
C SER B 299 16.73 -13.78 6.63
N ARG B 300 17.28 -13.47 5.46
CA ARG B 300 17.47 -12.07 5.06
C ARG B 300 16.28 -11.58 4.24
N PHE B 301 15.15 -11.47 4.91
CA PHE B 301 13.88 -11.12 4.30
C PHE B 301 13.47 -9.71 4.72
N PHE B 302 13.51 -8.76 3.79
CA PHE B 302 13.20 -7.37 4.14
C PHE B 302 12.31 -6.67 3.12
N GLU B 303 11.64 -5.62 3.56
CA GLU B 303 10.88 -4.75 2.68
C GLU B 303 11.26 -3.29 2.89
N TYR B 304 11.03 -2.49 1.87
CA TYR B 304 11.17 -1.04 1.99
C TYR B 304 10.06 -0.38 1.18
N LYS B 305 9.19 0.35 1.88
CA LYS B 305 8.11 1.14 1.28
C LYS B 305 7.23 0.34 0.31
N SER B 306 6.84 -0.86 0.74
CA SER B 306 5.81 -1.62 0.03
C SER B 306 4.50 -0.83 0.10
N TYR B 307 3.64 -1.00 -0.90
CA TYR B 307 2.32 -0.39 -0.86
C TYR B 307 1.28 -1.35 -1.45
N GLY B 308 0.01 -0.97 -1.41
CA GLY B 308 -1.08 -1.87 -1.79
C GLY B 308 -1.59 -2.68 -0.60
N ALA B 309 -2.67 -3.41 -0.82
CA ALA B 309 -3.38 -4.09 0.27
C ALA B 309 -2.57 -5.21 0.93
N GLY B 310 -1.58 -5.73 0.23
CA GLY B 310 -0.72 -6.77 0.78
C GLY B 310 0.47 -6.23 1.55
N ALA B 311 0.56 -4.91 1.67
CA ALA B 311 1.70 -4.26 2.31
C ALA B 311 1.41 -3.89 3.77
N THR B 312 1.48 -4.87 4.65
CA THR B 312 1.31 -4.63 6.08
C THR B 312 2.68 -4.50 6.75
N VAL B 313 2.76 -3.65 7.77
CA VAL B 313 4.00 -3.47 8.50
C VAL B 313 3.84 -3.98 9.94
N SER B 314 4.60 -5.00 10.29
CA SER B 314 4.54 -5.63 11.59
C SER B 314 5.91 -6.19 11.97
N LYS B 315 6.04 -6.70 13.19
CA LYS B 315 7.28 -7.33 13.66
C LYS B 315 7.71 -8.52 12.80
N ASP B 316 6.74 -9.18 12.16
CA ASP B 316 6.99 -10.33 11.30
C ASP B 316 7.38 -9.92 9.87
N ARG B 317 7.35 -8.63 9.61
CA ARG B 317 7.76 -8.09 8.32
C ARG B 317 8.72 -6.94 8.50
N ARG B 318 10.00 -7.30 8.63
CA ARG B 318 11.08 -6.35 8.89
C ARG B 318 11.23 -5.34 7.76
N GLN B 319 11.52 -4.09 8.14
CA GLN B 319 11.61 -2.98 7.22
C GLN B 319 13.03 -2.42 7.19
N LEU B 320 13.47 -1.97 6.02
CA LEU B 320 14.75 -1.29 5.89
C LEU B 320 14.60 0.18 6.26
N THR B 321 15.65 0.74 6.86
CA THR B 321 15.76 2.19 7.03
C THR B 321 16.11 2.81 5.67
N ASP B 322 15.98 4.13 5.57
CA ASP B 322 16.39 4.87 4.36
C ASP B 322 17.85 4.59 4.00
N ALA B 323 18.72 4.59 5.01
CA ALA B 323 20.15 4.32 4.82
C ALA B 323 20.40 2.89 4.32
N GLN B 324 19.67 1.93 4.88
CA GLN B 324 19.77 0.53 4.45
C GLN B 324 19.26 0.34 3.03
N ALA B 325 18.16 1.04 2.69
CA ALA B 325 17.58 0.99 1.36
C ALA B 325 18.57 1.46 0.28
N ALA B 326 19.42 2.43 0.64
CA ALA B 326 20.41 2.97 -0.29
C ALA B 326 21.48 1.95 -0.71
N GLU B 327 21.55 0.83 0.01
CA GLU B 327 22.48 -0.25 -0.33
C GLU B 327 21.96 -1.15 -1.47
N TYR B 328 20.72 -0.92 -1.89
CA TYR B 328 20.08 -1.77 -2.89
C TYR B 328 19.82 -1.07 -4.22
N THR B 329 20.66 -0.10 -4.56
CA THR B 329 20.63 0.53 -5.88
C THR B 329 21.16 -0.44 -6.92
N GLN B 330 20.82 -0.23 -8.18
CA GLN B 330 21.33 -1.07 -9.28
C GLN B 330 22.85 -1.13 -9.28
N SER B 331 23.48 0.03 -9.08
CA SER B 331 24.93 0.14 -9.04
C SER B 331 25.56 -0.78 -7.99
N LYS B 332 24.97 -0.81 -6.80
CA LYS B 332 25.49 -1.61 -5.70
C LYS B 332 25.23 -3.10 -5.90
N VAL B 333 24.03 -3.43 -6.37
CA VAL B 333 23.62 -4.83 -6.53
C VAL B 333 24.36 -5.51 -7.69
N LEU B 334 24.55 -4.77 -8.78
CA LEU B 334 25.18 -5.35 -9.98
C LEU B 334 26.67 -5.07 -10.09
N GLY B 335 27.21 -4.22 -9.21
CA GLY B 335 28.63 -3.88 -9.20
C GLY B 335 29.09 -3.21 -10.48
N ASP B 336 30.17 -3.74 -11.05
CA ASP B 336 30.79 -3.11 -12.23
C ASP B 336 30.08 -3.44 -13.56
N TRP B 337 28.93 -4.10 -13.47
CA TRP B 337 28.19 -4.49 -14.66
C TRP B 337 27.03 -3.55 -14.97
N THR B 338 27.10 -2.89 -16.13
CA THR B 338 25.96 -2.15 -16.66
C THR B 338 25.31 -2.99 -17.75
N PRO B 339 24.10 -3.50 -17.48
CA PRO B 339 23.36 -4.27 -18.48
C PRO B 339 23.07 -3.41 -19.71
N THR B 340 23.51 -3.90 -20.87
CA THR B 340 23.25 -3.20 -22.14
C THR B 340 22.77 -4.20 -23.20
N LEU B 341 21.95 -3.71 -24.12
CA LEU B 341 21.49 -4.50 -25.25
C LEU B 341 22.29 -4.12 -26.49
N PRO B 342 22.45 -5.06 -27.44
CA PRO B 342 23.18 -4.77 -28.67
C PRO B 342 22.50 -3.72 -29.52
#